data_2D2Z
#
_entry.id   2D2Z
#
_cell.length_a   73.190
_cell.length_b   86.050
_cell.length_c   73.380
_cell.angle_alpha   90.00
_cell.angle_beta   112.99
_cell.angle_gamma   90.00
#
_symmetry.space_group_name_H-M   'P 1 21 1'
#
loop_
_entity.id
_entity.type
_entity.pdbx_description
1 polymer 'Chloride intracellular channel protein 4'
2 water water
#
_entity_poly.entity_id   1
_entity_poly.type   'polypeptide(L)'
_entity_poly.pdbx_seq_one_letter_code
;MALSMPLNGLKEEDKEPLIELFVKAGSDGESIGNCPFSQRLFMILWLKGVVFSVTTVDLKRKPADLQNLAPGTHPPFITF
NSEVKTDVNKIEEFLEEVLCPPKYLKLSPKHPESNTAGMDIFAKFSAYIKNSRPEANEALERGLLKTLQKLDEYLNSPLP
DEIDENSMEDIKFSTRKFLDGNEMTLADCNLLPKLHIVKVVAKKYRNFDIPKEMTGIWRYLTNAYSRDEFTNTCPSDKEV
EIAYSDVAKRLTKLEHHHHHH
;
_entity_poly.pdbx_strand_id   A,B,C
#
# COMPACT_ATOMS: atom_id res chain seq x y z
N GLU A 16 31.58 -1.80 -1.46
CA GLU A 16 31.67 -3.21 -1.94
C GLU A 16 30.46 -3.59 -2.80
N PRO A 17 29.24 -3.60 -2.20
CA PRO A 17 28.03 -3.97 -2.95
C PRO A 17 27.72 -3.05 -4.12
N LEU A 18 26.99 -3.59 -5.10
CA LEU A 18 26.61 -2.82 -6.28
C LEU A 18 25.21 -2.24 -6.04
N ILE A 19 25.16 -0.92 -5.88
CA ILE A 19 23.89 -0.25 -5.60
C ILE A 19 23.52 0.79 -6.64
N GLU A 20 22.33 0.65 -7.20
CA GLU A 20 21.84 1.61 -8.18
C GLU A 20 20.54 2.21 -7.66
N LEU A 21 20.50 3.53 -7.54
CA LEU A 21 19.32 4.24 -7.06
C LEU A 21 18.52 4.81 -8.22
N PHE A 22 17.23 4.52 -8.24
CA PHE A 22 16.36 5.02 -9.28
C PHE A 22 15.38 6.04 -8.70
N VAL A 23 15.64 7.31 -8.99
CA VAL A 23 14.79 8.39 -8.48
C VAL A 23 13.90 8.93 -9.57
N LYS A 24 12.99 9.82 -9.20
CA LYS A 24 12.08 10.42 -10.16
C LYS A 24 12.75 11.60 -10.88
N ALA A 25 12.43 11.76 -12.16
CA ALA A 25 13.00 12.85 -12.95
C ALA A 25 12.06 14.04 -12.98
N GLY A 26 12.64 15.23 -13.11
CA GLY A 26 11.85 16.44 -13.16
C GLY A 26 11.34 16.72 -14.55
N SER A 27 11.12 17.99 -14.85
CA SER A 27 10.63 18.39 -16.16
C SER A 27 11.64 18.01 -17.24
N ASP A 28 12.91 18.19 -16.93
CA ASP A 28 13.98 17.84 -17.87
C ASP A 28 13.75 16.42 -18.36
N GLY A 29 13.13 15.61 -17.52
CA GLY A 29 12.88 14.23 -17.87
C GLY A 29 14.21 13.49 -17.73
N GLU A 30 15.25 14.27 -17.46
CA GLU A 30 16.61 13.75 -17.30
C GLU A 30 17.31 14.41 -16.12
N SER A 31 16.52 14.98 -15.20
CA SER A 31 17.06 15.65 -14.03
C SER A 31 16.35 15.20 -12.76
N ILE A 32 16.76 15.73 -11.61
CA ILE A 32 16.15 15.35 -10.33
C ILE A 32 14.81 16.04 -10.08
N GLY A 33 13.73 15.26 -10.19
CA GLY A 33 12.40 15.81 -9.98
C GLY A 33 12.04 15.97 -8.51
N ASN A 34 10.78 16.26 -8.23
CA ASN A 34 10.33 16.45 -6.85
C ASN A 34 9.88 15.12 -6.29
N CYS A 35 10.42 14.78 -5.12
CA CYS A 35 10.08 13.55 -4.42
C CYS A 35 10.88 13.50 -3.13
N PRO A 36 10.22 13.69 -1.98
CA PRO A 36 10.97 13.66 -0.72
C PRO A 36 11.45 12.25 -0.40
N PHE A 37 10.79 11.24 -0.98
CA PHE A 37 11.15 9.84 -0.76
C PHE A 37 12.40 9.43 -1.52
N SER A 38 12.56 9.91 -2.75
CA SER A 38 13.75 9.59 -3.52
C SER A 38 14.94 10.25 -2.82
N GLN A 39 14.78 11.52 -2.44
CA GLN A 39 15.85 12.24 -1.76
C GLN A 39 16.23 11.59 -0.45
N ARG A 40 15.26 10.99 0.24
CA ARG A 40 15.54 10.34 1.52
C ARG A 40 16.55 9.20 1.33
N LEU A 41 16.26 8.30 0.39
CA LEU A 41 17.15 7.17 0.10
C LEU A 41 18.52 7.67 -0.32
N PHE A 42 18.51 8.73 -1.13
CA PHE A 42 19.71 9.35 -1.63
C PHE A 42 20.56 9.81 -0.43
N MET A 43 19.89 10.39 0.56
CA MET A 43 20.61 10.86 1.72
C MET A 43 21.14 9.68 2.53
N ILE A 44 20.32 8.65 2.70
CA ILE A 44 20.74 7.45 3.44
C ILE A 44 21.99 6.83 2.80
N LEU A 45 21.94 6.58 1.50
CA LEU A 45 23.07 6.00 0.79
C LEU A 45 24.33 6.84 0.99
N TRP A 46 24.19 8.15 0.79
CA TRP A 46 25.30 9.08 0.95
C TRP A 46 25.90 8.97 2.35
N LEU A 47 25.06 9.05 3.37
CA LEU A 47 25.52 8.95 4.75
C LEU A 47 26.15 7.61 5.11
N LYS A 48 25.68 6.53 4.48
CA LYS A 48 26.25 5.23 4.77
C LYS A 48 27.69 5.17 4.31
N GLY A 49 27.99 5.86 3.22
CA GLY A 49 29.35 5.89 2.70
C GLY A 49 29.56 5.00 1.49
N VAL A 50 28.60 4.10 1.27
CA VAL A 50 28.68 3.16 0.16
C VAL A 50 28.68 3.85 -1.19
N VAL A 51 29.22 3.15 -2.19
CA VAL A 51 29.26 3.68 -3.54
C VAL A 51 27.93 3.28 -4.17
N PHE A 52 27.40 4.13 -5.03
CA PHE A 52 26.12 3.84 -5.66
C PHE A 52 25.91 4.79 -6.82
N SER A 53 25.07 4.41 -7.77
CA SER A 53 24.80 5.26 -8.92
C SER A 53 23.38 5.81 -8.81
N VAL A 54 23.11 6.91 -9.48
CA VAL A 54 21.78 7.51 -9.46
C VAL A 54 21.24 7.68 -10.88
N THR A 55 20.05 7.12 -11.12
CA THR A 55 19.41 7.17 -12.42
C THR A 55 17.98 7.72 -12.29
N THR A 56 17.67 8.79 -13.03
CA THR A 56 16.33 9.38 -12.98
C THR A 56 15.37 8.59 -13.88
N VAL A 57 14.07 8.76 -13.68
CA VAL A 57 13.10 8.02 -14.48
C VAL A 57 11.85 8.80 -14.86
N ASP A 58 11.71 9.08 -16.16
CA ASP A 58 10.55 9.81 -16.64
C ASP A 58 9.37 8.89 -16.83
N LEU A 59 8.30 9.17 -16.09
CA LEU A 59 7.07 8.38 -16.14
C LEU A 59 6.72 7.96 -17.57
N LYS A 60 6.78 8.92 -18.49
CA LYS A 60 6.48 8.64 -19.89
C LYS A 60 7.71 8.14 -20.63
N ARG A 61 8.12 6.91 -20.32
CA ARG A 61 9.28 6.34 -20.97
C ARG A 61 9.31 4.83 -20.84
N LEU A 66 15.00 -1.19 -14.58
CA LEU A 66 14.61 -0.27 -15.63
C LEU A 66 13.61 -0.93 -16.59
N GLN A 67 14.12 -1.76 -17.49
CA GLN A 67 13.26 -2.44 -18.44
C GLN A 67 12.70 -3.74 -17.91
N ASN A 68 11.38 -3.88 -17.94
CA ASN A 68 10.74 -5.09 -17.44
C ASN A 68 10.56 -5.07 -15.93
N LEU A 69 9.51 -4.39 -15.46
CA LEU A 69 9.23 -4.28 -14.04
C LEU A 69 7.78 -4.69 -13.73
N ALA A 70 7.47 -4.85 -12.45
CA ALA A 70 6.12 -5.22 -12.04
C ALA A 70 5.22 -4.00 -12.12
N PRO A 71 3.90 -4.22 -12.24
CA PRO A 71 2.96 -3.09 -12.33
C PRO A 71 2.81 -2.32 -11.01
N GLY A 72 2.96 -1.00 -11.10
CA GLY A 72 2.83 -0.17 -9.91
C GLY A 72 4.16 0.32 -9.36
N THR A 73 5.24 -0.37 -9.71
CA THR A 73 6.57 0.00 -9.25
C THR A 73 7.03 1.32 -9.85
N HIS A 74 7.07 2.36 -9.02
CA HIS A 74 7.50 3.68 -9.46
C HIS A 74 8.61 4.17 -8.54
N PRO A 75 9.44 5.12 -9.01
CA PRO A 75 10.51 5.61 -8.13
C PRO A 75 9.95 6.07 -6.78
N PRO A 76 10.80 6.04 -5.74
CA PRO A 76 12.18 5.58 -5.82
C PRO A 76 12.30 4.09 -5.56
N PHE A 77 13.30 3.48 -6.18
CA PHE A 77 13.57 2.07 -5.94
C PHE A 77 15.04 1.86 -6.29
N ILE A 78 15.62 0.80 -5.75
CA ILE A 78 17.02 0.53 -6.01
C ILE A 78 17.27 -0.86 -6.52
N THR A 79 18.51 -1.06 -6.91
CA THR A 79 18.99 -2.33 -7.38
C THR A 79 20.14 -2.63 -6.43
N PHE A 80 20.04 -3.76 -5.75
CA PHE A 80 21.09 -4.19 -4.82
C PHE A 80 21.62 -5.50 -5.39
N ASN A 81 22.85 -5.45 -5.91
CA ASN A 81 23.45 -6.63 -6.53
C ASN A 81 22.48 -7.11 -7.60
N SER A 82 22.21 -6.24 -8.57
CA SER A 82 21.32 -6.52 -9.70
C SER A 82 19.85 -6.77 -9.35
N GLU A 83 19.56 -7.04 -8.09
CA GLU A 83 18.18 -7.30 -7.68
C GLU A 83 17.42 -6.02 -7.33
N VAL A 84 16.20 -5.91 -7.86
CA VAL A 84 15.38 -4.74 -7.61
C VAL A 84 14.72 -4.81 -6.24
N LYS A 85 14.77 -3.70 -5.50
CA LYS A 85 14.17 -3.60 -4.18
C LYS A 85 13.12 -2.49 -4.29
N THR A 86 11.91 -2.75 -3.84
CA THR A 86 10.83 -1.78 -3.93
C THR A 86 10.30 -1.35 -2.56
N ASP A 87 9.66 -0.19 -2.52
CA ASP A 87 9.07 0.39 -1.30
C ASP A 87 10.12 1.08 -0.42
N VAL A 88 10.21 2.40 -0.53
CA VAL A 88 11.17 3.20 0.22
C VAL A 88 11.34 2.77 1.67
N ASN A 89 10.24 2.46 2.34
CA ASN A 89 10.32 2.04 3.74
C ASN A 89 10.95 0.67 3.88
N LYS A 90 10.69 -0.20 2.92
CA LYS A 90 11.29 -1.54 2.92
C LYS A 90 12.77 -1.35 2.60
N ILE A 91 13.06 -0.51 1.61
CA ILE A 91 14.42 -0.23 1.19
C ILE A 91 15.25 0.26 2.36
N GLU A 92 14.75 1.29 3.04
CA GLU A 92 15.44 1.88 4.18
C GLU A 92 15.81 0.84 5.21
N GLU A 93 14.85 0.01 5.57
CA GLU A 93 15.07 -1.04 6.56
C GLU A 93 16.17 -1.99 6.09
N PHE A 94 16.05 -2.40 4.83
CA PHE A 94 17.01 -3.29 4.21
C PHE A 94 18.42 -2.73 4.31
N LEU A 95 18.59 -1.50 3.83
CA LEU A 95 19.87 -0.82 3.83
C LEU A 95 20.50 -0.73 5.20
N GLU A 96 19.76 -0.18 6.15
CA GLU A 96 20.25 -0.02 7.52
C GLU A 96 20.68 -1.38 8.05
N GLU A 97 20.04 -2.42 7.54
CA GLU A 97 20.30 -3.80 7.92
C GLU A 97 21.59 -4.39 7.32
N VAL A 98 21.73 -4.31 6.00
CA VAL A 98 22.90 -4.87 5.34
C VAL A 98 24.13 -3.97 5.44
N LEU A 99 23.92 -2.65 5.48
CA LEU A 99 25.02 -1.71 5.60
C LEU A 99 25.15 -1.39 7.07
N CYS A 100 25.67 -2.38 7.81
CA CYS A 100 25.82 -2.32 9.27
C CYS A 100 27.27 -2.43 9.77
N PRO A 101 27.45 -2.30 11.09
CA PRO A 101 28.79 -2.41 11.70
C PRO A 101 29.34 -3.82 11.51
N PRO A 102 30.68 -3.98 11.58
CA PRO A 102 31.71 -2.97 11.83
C PRO A 102 32.11 -2.10 10.63
N LYS A 103 31.70 -2.49 9.45
CA LYS A 103 32.07 -1.73 8.25
C LYS A 103 31.40 -0.35 8.16
N TYR A 104 30.08 -0.29 8.39
CA TYR A 104 29.33 0.98 8.32
C TYR A 104 28.72 1.37 9.66
N LEU A 105 28.22 2.60 9.74
CA LEU A 105 27.60 3.07 10.98
C LEU A 105 26.08 3.01 10.95
N LYS A 106 25.48 2.59 12.05
CA LYS A 106 24.03 2.50 12.14
C LYS A 106 23.50 3.94 12.01
N LEU A 107 22.41 4.13 11.28
CA LEU A 107 21.84 5.46 11.10
C LEU A 107 20.52 5.64 11.86
N SER A 108 20.01 4.55 12.41
CA SER A 108 18.75 4.59 13.16
C SER A 108 18.89 5.48 14.40
N PRO A 109 17.90 6.36 14.62
CA PRO A 109 17.95 7.25 15.80
C PRO A 109 17.92 6.52 17.14
N LYS A 110 18.53 7.12 18.15
CA LYS A 110 18.58 6.53 19.48
C LYS A 110 17.26 6.75 20.23
N HIS A 111 16.61 7.88 19.94
CA HIS A 111 15.34 8.22 20.59
C HIS A 111 14.20 8.05 19.60
N PRO A 112 13.28 7.12 19.89
CA PRO A 112 12.16 6.89 18.97
C PRO A 112 11.31 8.12 18.67
N GLU A 113 11.30 9.08 19.59
CA GLU A 113 10.52 10.28 19.40
C GLU A 113 11.10 11.13 18.26
N SER A 114 12.38 10.91 17.94
CA SER A 114 12.99 11.65 16.84
C SER A 114 12.29 11.26 15.54
N ASN A 115 11.65 10.10 15.56
CA ASN A 115 10.93 9.59 14.38
C ASN A 115 9.55 10.23 14.19
N THR A 116 8.93 10.68 15.26
CA THR A 116 7.62 11.30 15.15
C THR A 116 7.64 12.82 15.15
N ALA A 117 8.79 13.41 15.46
CA ALA A 117 8.90 14.86 15.48
C ALA A 117 8.52 15.45 14.13
N GLY A 118 7.48 16.29 14.12
CA GLY A 118 7.05 16.94 12.89
C GLY A 118 6.41 16.06 11.84
N MET A 119 6.01 14.85 12.24
CA MET A 119 5.40 13.93 11.28
C MET A 119 4.04 14.40 10.76
N ASP A 120 3.40 15.34 11.45
CA ASP A 120 2.08 15.83 11.01
C ASP A 120 2.17 17.13 10.19
N ILE A 121 3.39 17.58 9.93
CA ILE A 121 3.55 18.81 9.17
C ILE A 121 3.18 18.66 7.70
N PHE A 122 3.81 17.70 7.02
CA PHE A 122 3.55 17.52 5.61
C PHE A 122 2.07 17.41 5.28
N ALA A 123 1.33 16.66 6.09
CA ALA A 123 -0.10 16.47 5.88
C ALA A 123 -0.93 17.74 6.07
N LYS A 124 -0.52 18.59 7.03
CA LYS A 124 -1.27 19.83 7.27
C LYS A 124 -0.95 20.82 6.17
N PHE A 125 0.28 20.77 5.70
CA PHE A 125 0.73 21.63 4.62
C PHE A 125 -0.02 21.27 3.32
N SER A 126 -0.26 19.97 3.11
CA SER A 126 -0.95 19.54 1.90
C SER A 126 -2.39 20.04 1.87
N ALA A 127 -3.06 19.98 3.02
CA ALA A 127 -4.44 20.42 3.12
C ALA A 127 -4.51 21.93 2.97
N TYR A 128 -3.55 22.63 3.57
CA TYR A 128 -3.49 24.08 3.52
C TYR A 128 -3.24 24.57 2.09
N ILE A 129 -2.40 23.83 1.37
CA ILE A 129 -2.04 24.17 0.00
C ILE A 129 -3.06 23.78 -1.07
N LYS A 130 -3.82 22.71 -0.83
CA LYS A 130 -4.81 22.27 -1.82
C LYS A 130 -6.18 22.93 -1.66
N ASN A 131 -6.40 23.58 -0.52
CA ASN A 131 -7.67 24.24 -0.26
C ASN A 131 -7.93 25.43 -1.19
N SER A 132 -9.19 25.73 -1.46
CA SER A 132 -9.55 26.85 -2.35
C SER A 132 -10.56 27.78 -1.69
N ARG A 133 -11.10 27.37 -0.54
CA ARG A 133 -12.08 28.18 0.18
C ARG A 133 -11.39 29.21 1.08
N PRO A 134 -11.58 30.50 0.78
CA PRO A 134 -10.97 31.57 1.58
C PRO A 134 -11.24 31.49 3.08
N GLU A 135 -12.48 31.20 3.45
CA GLU A 135 -12.85 31.13 4.85
C GLU A 135 -12.25 29.98 5.63
N ALA A 136 -11.69 29.00 4.92
CA ALA A 136 -11.08 27.85 5.58
C ALA A 136 -9.57 28.00 5.72
N ASN A 137 -8.99 28.88 4.91
CA ASN A 137 -7.56 29.12 4.90
C ASN A 137 -6.96 29.53 6.25
N GLU A 138 -7.64 30.42 6.96
CA GLU A 138 -7.16 30.90 8.26
C GLU A 138 -6.90 29.76 9.24
N ALA A 139 -7.90 28.90 9.42
CA ALA A 139 -7.77 27.76 10.32
C ALA A 139 -6.68 26.78 9.87
N LEU A 140 -6.53 26.59 8.56
CA LEU A 140 -5.51 25.69 8.05
C LEU A 140 -4.11 26.24 8.30
N GLU A 141 -3.92 27.55 8.13
CA GLU A 141 -2.61 28.13 8.37
C GLU A 141 -2.27 27.99 9.84
N ARG A 142 -3.27 28.18 10.69
CA ARG A 142 -3.09 28.05 12.14
C ARG A 142 -2.73 26.58 12.45
N GLY A 143 -3.37 25.67 11.72
CA GLY A 143 -3.10 24.26 11.93
C GLY A 143 -1.67 23.92 11.56
N LEU A 144 -1.20 24.50 10.46
CA LEU A 144 0.16 24.27 10.00
C LEU A 144 1.14 24.80 11.04
N LEU A 145 0.97 26.06 11.44
CA LEU A 145 1.85 26.68 12.43
C LEU A 145 1.90 25.84 13.69
N LYS A 146 0.76 25.24 14.03
CA LYS A 146 0.67 24.39 15.21
C LYS A 146 1.62 23.18 15.07
N THR A 147 1.65 22.55 13.90
CA THR A 147 2.55 21.41 13.74
C THR A 147 4.00 21.87 13.75
N LEU A 148 4.29 23.03 13.16
CA LEU A 148 5.67 23.53 13.15
C LEU A 148 6.10 23.88 14.57
N GLN A 149 5.15 24.32 15.38
CA GLN A 149 5.43 24.70 16.77
C GLN A 149 5.92 23.50 17.59
N LYS A 150 5.22 22.37 17.44
CA LYS A 150 5.58 21.14 18.15
C LYS A 150 6.97 20.69 17.74
N LEU A 151 7.25 20.67 16.45
CA LEU A 151 8.57 20.27 15.96
C LEU A 151 9.62 21.19 16.55
N ASP A 152 9.35 22.49 16.50
CA ASP A 152 10.28 23.48 17.01
C ASP A 152 10.58 23.20 18.48
N GLU A 153 9.56 22.85 19.25
CA GLU A 153 9.73 22.56 20.67
C GLU A 153 10.51 21.28 20.88
N TYR A 154 10.43 20.36 19.93
CA TYR A 154 11.19 19.12 20.06
C TYR A 154 12.66 19.45 19.88
N LEU A 155 12.94 20.34 18.93
CA LEU A 155 14.30 20.75 18.62
C LEU A 155 14.96 21.58 19.72
N ASN A 156 14.16 22.33 20.49
CA ASN A 156 14.74 23.16 21.56
C ASN A 156 14.82 22.44 22.89
N SER A 157 14.01 21.39 23.04
CA SER A 157 13.98 20.61 24.26
C SER A 157 15.18 19.64 24.25
N PRO A 158 16.03 19.70 25.30
CA PRO A 158 17.20 18.83 25.42
C PRO A 158 16.85 17.35 25.44
N LEU A 159 17.79 16.53 24.96
CA LEU A 159 17.61 15.08 24.94
C LEU A 159 18.34 14.45 26.12
N PRO A 160 17.79 13.38 26.69
CA PRO A 160 18.41 12.70 27.83
C PRO A 160 19.83 12.21 27.51
N LYS A 172 17.49 25.51 29.45
CA LYS A 172 18.02 26.26 28.32
C LYS A 172 17.60 25.62 26.99
N PHE A 173 18.01 26.23 25.88
CA PHE A 173 17.67 25.74 24.54
C PHE A 173 18.74 24.82 23.95
N SER A 174 18.37 23.59 23.64
CA SER A 174 19.28 22.62 23.04
C SER A 174 19.93 23.24 21.83
N THR A 175 21.23 23.01 21.65
CA THR A 175 21.94 23.57 20.50
C THR A 175 22.40 22.47 19.54
N ARG A 176 21.91 21.25 19.74
CA ARG A 176 22.27 20.13 18.88
C ARG A 176 21.95 20.46 17.42
N LYS A 177 22.62 19.79 16.49
CA LYS A 177 22.39 20.11 15.09
C LYS A 177 21.21 19.40 14.41
N PHE A 178 20.86 18.21 14.88
CA PHE A 178 19.78 17.49 14.24
C PHE A 178 18.75 16.91 15.19
N LEU A 179 17.78 16.18 14.64
CA LEU A 179 16.72 15.60 15.45
C LEU A 179 17.14 14.70 16.61
N ASP A 180 18.08 13.80 16.37
CA ASP A 180 18.48 12.83 17.38
C ASP A 180 19.73 13.11 18.20
N GLY A 181 20.43 14.18 17.85
CA GLY A 181 21.66 14.53 18.52
C GLY A 181 22.47 15.26 17.48
N ASN A 182 23.79 15.25 17.58
CA ASN A 182 24.61 15.97 16.63
C ASN A 182 25.03 15.27 15.36
N GLU A 183 24.46 14.10 15.11
CA GLU A 183 24.74 13.33 13.90
C GLU A 183 23.44 13.16 13.12
N MET A 184 23.51 13.19 11.80
CA MET A 184 22.31 13.01 11.01
C MET A 184 21.89 11.55 11.15
N THR A 185 20.58 11.31 11.23
CA THR A 185 20.06 9.96 11.35
C THR A 185 18.96 9.77 10.31
N LEU A 186 18.47 8.54 10.20
CA LEU A 186 17.38 8.21 9.28
C LEU A 186 16.22 9.18 9.48
N ALA A 187 16.10 9.71 10.70
CA ALA A 187 15.04 10.64 11.03
C ALA A 187 15.15 11.95 10.25
N ASP A 188 16.38 12.43 10.04
CA ASP A 188 16.56 13.67 9.29
C ASP A 188 16.38 13.40 7.79
N CYS A 189 16.74 12.19 7.36
CA CYS A 189 16.59 11.84 5.94
C CYS A 189 15.12 11.83 5.56
N ASN A 190 14.27 11.45 6.51
CA ASN A 190 12.85 11.43 6.27
C ASN A 190 12.22 12.83 6.36
N LEU A 191 12.54 13.58 7.42
CA LEU A 191 11.95 14.90 7.60
C LEU A 191 12.47 16.06 6.75
N LEU A 192 13.79 16.22 6.67
CA LEU A 192 14.36 17.32 5.90
C LEU A 192 13.84 17.46 4.47
N PRO A 193 13.72 16.35 3.74
CA PRO A 193 13.21 16.52 2.38
C PRO A 193 11.79 17.07 2.38
N LYS A 194 10.99 16.67 3.38
CA LYS A 194 9.60 17.13 3.46
C LYS A 194 9.52 18.59 3.90
N LEU A 195 10.33 18.96 4.89
CA LEU A 195 10.33 20.35 5.36
C LEU A 195 10.71 21.26 4.22
N HIS A 196 11.62 20.78 3.39
CA HIS A 196 12.09 21.56 2.25
C HIS A 196 10.94 21.81 1.28
N ILE A 197 10.14 20.77 0.99
CA ILE A 197 9.01 20.95 0.09
C ILE A 197 8.04 21.92 0.77
N VAL A 198 7.77 21.70 2.04
CA VAL A 198 6.87 22.58 2.76
C VAL A 198 7.30 24.04 2.64
N LYS A 199 8.56 24.32 2.96
CA LYS A 199 9.07 25.69 2.92
C LYS A 199 8.99 26.32 1.53
N VAL A 200 9.47 25.61 0.50
CA VAL A 200 9.43 26.15 -0.84
C VAL A 200 8.04 26.37 -1.42
N VAL A 201 7.16 25.38 -1.29
CA VAL A 201 5.81 25.49 -1.84
C VAL A 201 4.90 26.44 -1.08
N ALA A 202 4.88 26.34 0.24
CA ALA A 202 4.06 27.24 1.02
C ALA A 202 4.43 28.69 0.67
N LYS A 203 5.71 28.95 0.52
CA LYS A 203 6.19 30.29 0.18
C LYS A 203 5.63 30.71 -1.17
N LYS A 204 5.88 29.89 -2.18
CA LYS A 204 5.44 30.15 -3.55
C LYS A 204 3.93 30.37 -3.73
N TYR A 205 3.13 29.46 -3.18
CA TYR A 205 1.67 29.53 -3.35
C TYR A 205 0.83 30.17 -2.25
N ARG A 206 1.43 30.53 -1.12
CA ARG A 206 0.68 31.15 -0.05
C ARG A 206 1.47 32.30 0.55
N ASN A 207 2.67 32.52 0.03
CA ASN A 207 3.57 33.55 0.53
C ASN A 207 3.72 33.31 2.02
N PHE A 208 3.69 32.03 2.40
CA PHE A 208 3.81 31.63 3.80
C PHE A 208 5.28 31.48 4.19
N ASP A 209 5.62 31.92 5.39
CA ASP A 209 6.99 31.81 5.89
C ASP A 209 7.00 31.10 7.24
N ILE A 210 7.93 30.17 7.44
CA ILE A 210 8.02 29.50 8.73
C ILE A 210 8.48 30.61 9.68
N PRO A 211 7.69 30.93 10.72
CA PRO A 211 8.03 31.99 11.69
C PRO A 211 9.46 31.91 12.22
N LYS A 212 10.17 33.04 12.16
CA LYS A 212 11.54 33.09 12.65
C LYS A 212 11.54 32.88 14.16
N GLU A 213 10.39 33.07 14.79
CA GLU A 213 10.27 32.88 16.24
C GLU A 213 10.57 31.41 16.55
N MET A 214 10.40 30.56 15.54
CA MET A 214 10.68 29.14 15.70
C MET A 214 12.16 28.95 15.38
N THR A 215 12.99 29.30 16.36
CA THR A 215 14.44 29.23 16.26
C THR A 215 15.01 27.83 16.13
N GLY A 216 14.29 26.84 16.66
CA GLY A 216 14.72 25.46 16.55
C GLY A 216 14.69 25.03 15.10
N ILE A 217 13.54 25.22 14.46
CA ILE A 217 13.38 24.84 13.06
C ILE A 217 14.47 25.48 12.22
N TRP A 218 14.68 26.78 12.43
CA TRP A 218 15.66 27.49 11.64
C TRP A 218 17.10 27.08 11.87
N ARG A 219 17.45 26.75 13.12
CA ARG A 219 18.80 26.30 13.39
C ARG A 219 19.00 24.98 12.64
N TYR A 220 18.00 24.10 12.80
CA TYR A 220 17.99 22.79 12.16
C TYR A 220 18.17 22.89 10.65
N LEU A 221 17.37 23.75 10.02
CA LEU A 221 17.44 23.95 8.57
C LEU A 221 18.77 24.57 8.14
N THR A 222 19.26 25.53 8.91
CA THR A 222 20.52 26.18 8.61
C THR A 222 21.61 25.12 8.56
N ASN A 223 21.65 24.29 9.60
CA ASN A 223 22.62 23.20 9.69
C ASN A 223 22.49 22.31 8.48
N ALA A 224 21.27 21.93 8.15
CA ALA A 224 21.01 21.07 7.01
C ALA A 224 21.45 21.67 5.66
N TYR A 225 21.12 22.92 5.41
CA TYR A 225 21.52 23.50 4.14
C TYR A 225 23.03 23.65 3.98
N SER A 226 23.76 23.57 5.09
CA SER A 226 25.22 23.69 5.05
C SER A 226 25.86 22.32 4.88
N ARG A 227 25.04 21.28 4.81
CA ARG A 227 25.53 19.92 4.62
C ARG A 227 25.26 19.48 3.19
N ASP A 228 26.29 18.96 2.52
CA ASP A 228 26.15 18.51 1.13
C ASP A 228 25.14 17.37 0.94
N GLU A 229 25.06 16.46 1.92
CA GLU A 229 24.14 15.32 1.82
C GLU A 229 22.69 15.76 1.61
N PHE A 230 22.35 16.92 2.15
CA PHE A 230 21.01 17.46 2.01
C PHE A 230 20.91 18.38 0.79
N THR A 231 21.81 19.36 0.76
CA THR A 231 21.84 20.33 -0.34
C THR A 231 22.00 19.70 -1.72
N ASN A 232 22.98 18.81 -1.86
CA ASN A 232 23.21 18.20 -3.16
C ASN A 232 22.19 17.13 -3.57
N THR A 233 21.19 16.88 -2.72
CA THR A 233 20.14 15.91 -3.03
C THR A 233 18.77 16.57 -3.16
N CYS A 234 18.73 17.89 -2.97
CA CYS A 234 17.47 18.66 -3.08
C CYS A 234 17.21 19.00 -4.54
N PRO A 235 16.00 18.73 -5.04
CA PRO A 235 15.78 19.09 -6.44
C PRO A 235 15.71 20.62 -6.44
N SER A 236 15.73 21.25 -7.61
CA SER A 236 15.69 22.72 -7.68
C SER A 236 14.37 23.30 -7.19
N ASP A 237 14.40 24.55 -6.74
CA ASP A 237 13.19 25.22 -6.28
C ASP A 237 12.15 25.22 -7.39
N LYS A 238 12.61 25.47 -8.61
CA LYS A 238 11.72 25.48 -9.75
C LYS A 238 11.02 24.15 -9.87
N GLU A 239 11.80 23.08 -9.89
CA GLU A 239 11.27 21.73 -10.00
C GLU A 239 10.29 21.47 -8.85
N VAL A 240 10.65 21.89 -7.65
CA VAL A 240 9.75 21.66 -6.52
C VAL A 240 8.45 22.44 -6.74
N GLU A 241 8.55 23.70 -7.17
CA GLU A 241 7.38 24.53 -7.42
C GLU A 241 6.50 23.98 -8.53
N ILE A 242 7.14 23.58 -9.62
CA ILE A 242 6.45 23.02 -10.79
C ILE A 242 5.58 21.84 -10.37
N ALA A 243 6.17 20.93 -9.59
CA ALA A 243 5.46 19.74 -9.15
C ALA A 243 4.15 20.07 -8.46
N TYR A 244 4.00 21.30 -8.01
CA TYR A 244 2.77 21.68 -7.34
C TYR A 244 1.85 22.63 -8.10
N SER A 245 2.30 23.08 -9.27
CA SER A 245 1.52 23.99 -10.09
C SER A 245 0.09 23.50 -10.34
N ASP A 246 -0.06 22.19 -10.46
CA ASP A 246 -1.37 21.59 -10.71
C ASP A 246 -1.96 21.02 -9.43
N VAL A 247 -1.36 21.37 -8.29
CA VAL A 247 -1.83 20.86 -7.00
C VAL A 247 -2.30 21.99 -6.07
N ALA A 248 -1.46 22.99 -5.87
CA ALA A 248 -1.82 24.11 -5.00
C ALA A 248 -2.94 24.88 -5.68
N LYS A 249 -3.89 25.38 -4.89
CA LYS A 249 -5.01 26.13 -5.46
C LYS A 249 -5.06 27.57 -4.95
N ARG A 250 -5.57 28.48 -5.76
CA ARG A 250 -5.71 29.87 -5.35
C ARG A 250 -6.91 29.89 -4.43
N LEU A 251 -7.04 30.93 -3.61
CA LEU A 251 -8.18 31.05 -2.72
C LEU A 251 -9.26 31.84 -3.46
N THR A 252 -10.33 31.15 -3.88
CA THR A 252 -11.40 31.79 -4.62
C THR A 252 -12.76 31.69 -3.94
N LYS A 253 -13.48 32.81 -3.91
CA LYS A 253 -14.80 32.89 -3.29
C LYS A 253 -15.82 32.02 -4.03
N PRO B 6 8.77 -2.09 10.07
CA PRO B 6 8.13 -2.32 11.40
C PRO B 6 6.83 -1.52 11.50
N LEU B 7 6.96 -0.22 11.72
CA LEU B 7 5.80 0.66 11.84
C LEU B 7 5.42 1.26 10.50
N ASN B 8 4.53 0.57 9.79
CA ASN B 8 4.07 1.03 8.48
C ASN B 8 3.20 2.27 8.63
N GLY B 9 3.22 3.13 7.62
CA GLY B 9 2.40 4.34 7.67
C GLY B 9 3.03 5.49 8.42
N LEU B 10 4.08 5.21 9.18
CA LEU B 10 4.76 6.24 9.96
C LEU B 10 5.45 7.26 9.06
N LYS B 11 5.90 6.82 7.88
CA LYS B 11 6.62 7.70 6.97
C LYS B 11 6.00 8.01 5.59
N GLU B 12 4.95 7.30 5.18
CA GLU B 12 4.35 7.62 3.88
C GLU B 12 3.52 8.89 4.07
N GLU B 13 3.07 9.52 2.99
CA GLU B 13 2.30 10.76 3.15
C GLU B 13 0.92 10.88 2.52
N ASP B 14 0.81 10.64 1.21
CA ASP B 14 -0.49 10.80 0.55
C ASP B 14 -1.49 9.66 0.57
N LYS B 15 -2.44 9.73 -0.37
CA LYS B 15 -3.52 8.75 -0.49
C LYS B 15 -3.09 7.36 -0.93
N GLU B 16 -3.07 7.15 -2.25
CA GLU B 16 -2.72 5.86 -2.84
C GLU B 16 -3.90 4.90 -2.67
N PRO B 17 -4.82 4.91 -3.63
CA PRO B 17 -6.00 4.04 -3.58
C PRO B 17 -5.69 2.55 -3.52
N LEU B 18 -6.57 1.81 -2.85
CA LEU B 18 -6.44 0.36 -2.73
C LEU B 18 -7.31 -0.24 -3.81
N ILE B 19 -6.71 -0.88 -4.80
CA ILE B 19 -7.47 -1.48 -5.88
C ILE B 19 -7.24 -2.99 -6.03
N GLU B 20 -8.36 -3.70 -6.16
CA GLU B 20 -8.36 -5.14 -6.36
C GLU B 20 -9.09 -5.41 -7.68
N LEU B 21 -8.48 -6.18 -8.56
CA LEU B 21 -9.11 -6.54 -9.82
C LEU B 21 -9.43 -8.02 -9.72
N PHE B 22 -10.66 -8.38 -10.07
CA PHE B 22 -11.09 -9.76 -10.03
C PHE B 22 -11.32 -10.14 -11.48
N VAL B 23 -10.58 -11.15 -11.96
CA VAL B 23 -10.72 -11.60 -13.35
C VAL B 23 -11.31 -13.00 -13.46
N LYS B 24 -11.76 -13.35 -14.65
CA LYS B 24 -12.34 -14.66 -14.89
C LYS B 24 -11.26 -15.72 -14.79
N ALA B 25 -11.49 -16.72 -13.94
CA ALA B 25 -10.55 -17.82 -13.74
C ALA B 25 -10.61 -18.84 -14.89
N GLY B 26 -9.51 -19.51 -15.16
CA GLY B 26 -9.49 -20.49 -16.24
C GLY B 26 -10.11 -21.83 -15.89
N SER B 27 -9.91 -22.82 -16.76
CA SER B 27 -10.46 -24.16 -16.58
C SER B 27 -10.01 -24.86 -15.30
N ASP B 28 -8.82 -24.52 -14.80
CA ASP B 28 -8.29 -25.13 -13.58
C ASP B 28 -8.75 -24.41 -12.31
N GLY B 29 -9.38 -23.25 -12.48
CA GLY B 29 -9.86 -22.51 -11.32
C GLY B 29 -8.84 -21.62 -10.66
N GLU B 30 -7.61 -21.61 -11.17
CA GLU B 30 -6.55 -20.78 -10.59
C GLU B 30 -5.96 -19.80 -11.61
N SER B 31 -5.64 -20.31 -12.78
CA SER B 31 -5.04 -19.50 -13.85
C SER B 31 -5.99 -18.46 -14.40
N ILE B 32 -5.44 -17.56 -15.20
CA ILE B 32 -6.21 -16.50 -15.82
C ILE B 32 -6.99 -17.10 -16.99
N GLY B 33 -8.32 -16.98 -16.94
CA GLY B 33 -9.15 -17.53 -17.98
C GLY B 33 -9.39 -16.63 -19.18
N ASN B 34 -10.23 -17.10 -20.10
CA ASN B 34 -10.53 -16.32 -21.29
C ASN B 34 -11.59 -15.28 -20.99
N CYS B 35 -11.25 -14.03 -21.26
CA CYS B 35 -12.13 -12.89 -21.05
C CYS B 35 -11.38 -11.64 -21.47
N PRO B 36 -11.78 -11.03 -22.60
CA PRO B 36 -11.17 -9.80 -23.15
C PRO B 36 -11.53 -8.57 -22.32
N PHE B 37 -12.56 -8.71 -21.50
CA PHE B 37 -13.04 -7.63 -20.63
C PHE B 37 -12.12 -7.59 -19.41
N SER B 38 -11.81 -8.74 -18.86
CA SER B 38 -10.91 -8.82 -17.72
C SER B 38 -9.53 -8.31 -18.16
N GLN B 39 -9.04 -8.81 -19.29
CA GLN B 39 -7.72 -8.39 -19.77
C GLN B 39 -7.62 -6.88 -20.05
N ARG B 40 -8.74 -6.28 -20.48
CA ARG B 40 -8.75 -4.85 -20.77
C ARG B 40 -8.46 -4.04 -19.51
N LEU B 41 -9.14 -4.38 -18.43
CA LEU B 41 -8.98 -3.70 -17.15
C LEU B 41 -7.59 -3.97 -16.58
N PHE B 42 -7.09 -5.19 -16.80
CA PHE B 42 -5.78 -5.54 -16.30
C PHE B 42 -4.78 -4.62 -16.99
N MET B 43 -4.95 -4.49 -18.30
CA MET B 43 -4.07 -3.65 -19.09
C MET B 43 -4.16 -2.18 -18.72
N ILE B 44 -5.37 -1.69 -18.46
CA ILE B 44 -5.53 -0.29 -18.08
C ILE B 44 -4.82 -0.03 -16.76
N LEU B 45 -5.09 -0.87 -15.76
CA LEU B 45 -4.47 -0.72 -14.45
C LEU B 45 -2.95 -0.76 -14.57
N TRP B 46 -2.46 -1.62 -15.45
CA TRP B 46 -1.01 -1.77 -15.65
C TRP B 46 -0.44 -0.49 -16.26
N LEU B 47 -1.08 0.02 -17.31
CA LEU B 47 -0.59 1.23 -17.98
C LEU B 47 -0.69 2.49 -17.10
N LYS B 48 -1.63 2.52 -16.16
CA LYS B 48 -1.75 3.67 -15.30
C LYS B 48 -0.54 3.75 -14.38
N GLY B 49 0.02 2.61 -14.03
CA GLY B 49 1.18 2.57 -13.16
C GLY B 49 0.81 2.49 -11.69
N VAL B 50 -0.48 2.31 -11.38
CA VAL B 50 -0.92 2.22 -9.98
C VAL B 50 -0.71 0.83 -9.38
N VAL B 51 -0.64 0.77 -8.06
CA VAL B 51 -0.47 -0.51 -7.38
C VAL B 51 -1.85 -1.13 -7.30
N PHE B 52 -1.95 -2.41 -7.61
CA PHE B 52 -3.23 -3.11 -7.57
C PHE B 52 -2.98 -4.60 -7.47
N SER B 53 -3.98 -5.34 -7.01
CA SER B 53 -3.85 -6.78 -6.89
C SER B 53 -4.79 -7.41 -7.88
N VAL B 54 -4.45 -8.61 -8.33
CA VAL B 54 -5.30 -9.32 -9.28
C VAL B 54 -5.66 -10.65 -8.64
N THR B 55 -6.90 -11.05 -8.84
CA THR B 55 -7.39 -12.30 -8.27
C THR B 55 -8.34 -12.97 -9.26
N THR B 56 -8.08 -14.24 -9.54
CA THR B 56 -8.93 -15.01 -10.45
C THR B 56 -10.11 -15.49 -9.61
N VAL B 57 -11.30 -15.51 -10.19
CA VAL B 57 -12.48 -15.94 -9.46
C VAL B 57 -13.22 -17.03 -10.24
N ASP B 58 -13.73 -18.03 -9.52
CA ASP B 58 -14.44 -19.12 -10.16
C ASP B 58 -15.94 -18.96 -10.15
N LEU B 59 -16.44 -18.11 -9.26
CA LEU B 59 -17.87 -17.87 -9.16
C LEU B 59 -18.63 -19.07 -8.62
N LYS B 60 -18.79 -20.08 -9.46
CA LYS B 60 -19.48 -21.30 -9.06
C LYS B 60 -18.75 -21.89 -7.86
N ARG B 61 -17.46 -21.55 -7.76
CA ARG B 61 -16.62 -22.00 -6.66
C ARG B 61 -16.30 -20.78 -5.80
N LYS B 62 -17.35 -20.12 -5.32
CA LYS B 62 -17.21 -18.92 -4.50
C LYS B 62 -16.07 -18.93 -3.50
N PRO B 63 -15.20 -17.93 -3.60
CA PRO B 63 -14.08 -17.83 -2.68
C PRO B 63 -14.58 -17.58 -1.27
N ALA B 64 -13.94 -18.21 -0.29
CA ALA B 64 -14.33 -18.06 1.10
C ALA B 64 -14.08 -16.64 1.61
N ASP B 65 -13.52 -15.78 0.75
CA ASP B 65 -13.22 -14.40 1.12
C ASP B 65 -14.28 -13.44 0.60
N LEU B 66 -14.98 -13.86 -0.45
CA LEU B 66 -16.02 -13.06 -1.09
C LEU B 66 -17.40 -13.48 -0.58
N GLN B 67 -17.60 -13.37 0.72
CA GLN B 67 -18.87 -13.76 1.33
C GLN B 67 -20.08 -13.05 0.76
N ASN B 68 -20.14 -11.74 0.95
CA ASN B 68 -21.25 -10.91 0.48
C ASN B 68 -21.53 -11.08 -1.02
N LEU B 69 -21.41 -9.98 -1.77
CA LEU B 69 -21.63 -9.99 -3.22
C LEU B 69 -23.08 -10.15 -3.65
N ALA B 70 -23.56 -9.17 -4.41
CA ALA B 70 -24.91 -9.22 -4.94
C ALA B 70 -24.94 -10.32 -5.99
N PRO B 71 -26.13 -10.81 -6.35
CA PRO B 71 -26.26 -11.87 -7.35
C PRO B 71 -25.73 -11.49 -8.73
N GLY B 72 -25.92 -10.23 -9.12
CA GLY B 72 -25.47 -9.81 -10.43
C GLY B 72 -23.99 -9.44 -10.58
N THR B 73 -23.21 -9.60 -9.53
CA THR B 73 -21.79 -9.25 -9.60
C THR B 73 -20.99 -10.44 -10.07
N HIS B 74 -20.24 -10.26 -11.16
CA HIS B 74 -19.42 -11.33 -11.73
C HIS B 74 -18.16 -10.75 -12.36
N PRO B 75 -17.07 -11.54 -12.40
CA PRO B 75 -15.87 -10.98 -13.02
C PRO B 75 -16.06 -10.69 -14.51
N PRO B 76 -15.38 -9.65 -15.02
CA PRO B 76 -14.49 -8.81 -14.23
C PRO B 76 -15.14 -7.68 -13.45
N PHE B 77 -14.70 -7.49 -12.21
CA PHE B 77 -15.19 -6.39 -11.41
C PHE B 77 -14.05 -5.89 -10.57
N ILE B 78 -14.19 -4.66 -10.07
CA ILE B 78 -13.12 -4.06 -9.31
C ILE B 78 -13.55 -3.73 -7.88
N THR B 79 -12.55 -3.45 -7.06
CA THR B 79 -12.78 -3.04 -5.69
C THR B 79 -11.88 -1.81 -5.56
N PHE B 80 -12.49 -0.67 -5.22
CA PHE B 80 -11.74 0.58 -5.05
C PHE B 80 -11.92 1.04 -3.61
N ASN B 81 -10.84 0.91 -2.83
CA ASN B 81 -10.84 1.26 -1.42
C ASN B 81 -11.93 0.43 -0.76
N SER B 82 -11.95 -0.86 -1.13
CA SER B 82 -12.88 -1.86 -0.63
C SER B 82 -14.32 -1.78 -1.15
N GLU B 83 -14.59 -0.80 -2.00
CA GLU B 83 -15.93 -0.67 -2.56
C GLU B 83 -16.04 -1.31 -3.95
N VAL B 84 -17.00 -2.20 -4.11
CA VAL B 84 -17.23 -2.91 -5.37
C VAL B 84 -17.74 -2.04 -6.52
N LYS B 85 -17.11 -2.18 -7.69
CA LYS B 85 -17.50 -1.46 -8.92
C LYS B 85 -17.65 -2.55 -9.98
N THR B 86 -18.83 -2.66 -10.59
CA THR B 86 -19.13 -3.74 -11.53
C THR B 86 -19.12 -3.68 -13.06
N ASP B 87 -19.44 -2.54 -13.67
CA ASP B 87 -19.50 -2.50 -15.13
C ASP B 87 -18.16 -2.21 -15.81
N VAL B 88 -17.73 -3.08 -16.72
CA VAL B 88 -16.44 -2.87 -17.38
C VAL B 88 -16.31 -1.49 -17.98
N ASN B 89 -17.32 -1.07 -18.74
CA ASN B 89 -17.29 0.26 -19.35
C ASN B 89 -17.25 1.35 -18.28
N LYS B 90 -18.06 1.19 -17.24
CA LYS B 90 -18.09 2.17 -16.17
C LYS B 90 -16.75 2.17 -15.44
N ILE B 91 -16.18 0.99 -15.25
CA ILE B 91 -14.89 0.87 -14.58
C ILE B 91 -13.78 1.56 -15.37
N GLU B 92 -13.86 1.44 -16.69
CA GLU B 92 -12.86 2.06 -17.56
C GLU B 92 -12.90 3.58 -17.44
N GLU B 93 -14.10 4.15 -17.56
CA GLU B 93 -14.27 5.60 -17.46
C GLU B 93 -13.81 6.08 -16.09
N PHE B 94 -14.21 5.36 -15.05
CA PHE B 94 -13.85 5.70 -13.68
C PHE B 94 -12.33 5.77 -13.47
N LEU B 95 -11.62 4.70 -13.86
CA LEU B 95 -10.17 4.65 -13.70
C LEU B 95 -9.44 5.73 -14.46
N GLU B 96 -9.94 6.05 -15.66
CA GLU B 96 -9.32 7.09 -16.47
C GLU B 96 -9.56 8.42 -15.76
N GLU B 97 -10.75 8.53 -15.18
CA GLU B 97 -11.19 9.73 -14.46
C GLU B 97 -10.44 9.98 -13.14
N VAL B 98 -10.40 8.97 -12.26
CA VAL B 98 -9.74 9.12 -10.97
C VAL B 98 -8.22 9.00 -11.00
N LEU B 99 -7.68 8.11 -11.82
CA LEU B 99 -6.23 7.96 -11.90
C LEU B 99 -5.74 8.87 -13.02
N CYS B 100 -5.69 10.17 -12.73
CA CYS B 100 -5.31 11.16 -13.74
C CYS B 100 -4.04 11.96 -13.45
N PRO B 101 -3.67 12.86 -14.39
CA PRO B 101 -2.48 13.70 -14.22
C PRO B 101 -2.67 14.60 -12.99
N PRO B 102 -1.58 15.03 -12.35
CA PRO B 102 -0.18 14.75 -12.70
C PRO B 102 0.30 13.40 -12.21
N LYS B 103 -0.36 12.87 -11.19
CA LYS B 103 -0.02 11.57 -10.62
C LYS B 103 0.10 10.48 -11.68
N TYR B 104 -0.94 10.37 -12.52
CA TYR B 104 -0.96 9.33 -13.54
C TYR B 104 -1.19 9.90 -14.95
N LEU B 105 -0.73 9.17 -15.95
CA LEU B 105 -0.87 9.58 -17.35
C LEU B 105 -2.25 9.32 -17.93
N LYS B 106 -2.74 10.26 -18.73
CA LYS B 106 -4.04 10.12 -19.37
C LYS B 106 -3.88 9.00 -20.40
N LEU B 107 -4.89 8.14 -20.54
CA LEU B 107 -4.81 7.03 -21.48
C LEU B 107 -5.78 7.17 -22.65
N SER B 108 -6.70 8.12 -22.57
CA SER B 108 -7.64 8.34 -23.66
C SER B 108 -6.83 8.64 -24.91
N PRO B 109 -7.29 8.15 -26.08
CA PRO B 109 -6.55 8.43 -27.30
C PRO B 109 -6.74 9.88 -27.76
N LYS B 110 -5.80 10.37 -28.55
CA LYS B 110 -5.85 11.73 -29.08
C LYS B 110 -6.75 11.79 -30.30
N HIS B 111 -6.52 10.88 -31.24
CA HIS B 111 -7.31 10.83 -32.46
C HIS B 111 -8.55 10.00 -32.22
N PRO B 112 -9.73 10.64 -32.30
CA PRO B 112 -11.02 9.98 -32.10
C PRO B 112 -11.29 8.75 -32.97
N GLU B 113 -10.53 8.60 -34.05
CA GLU B 113 -10.69 7.44 -34.93
C GLU B 113 -10.13 6.19 -34.29
N SER B 114 -9.14 6.36 -33.43
CA SER B 114 -8.52 5.25 -32.74
C SER B 114 -9.56 4.45 -31.95
N ASN B 115 -10.65 5.10 -31.57
CA ASN B 115 -11.71 4.44 -30.79
C ASN B 115 -12.73 3.65 -31.60
N THR B 116 -12.67 3.73 -32.93
CA THR B 116 -13.64 3.02 -33.75
C THR B 116 -12.98 2.02 -34.69
N ALA B 117 -11.68 2.14 -34.87
CA ALA B 117 -10.97 1.23 -35.75
C ALA B 117 -10.97 -0.16 -35.13
N GLY B 118 -11.40 -1.14 -35.93
CA GLY B 118 -11.43 -2.52 -35.47
C GLY B 118 -12.54 -2.87 -34.50
N MET B 119 -13.45 -1.94 -34.23
CA MET B 119 -14.53 -2.22 -33.29
C MET B 119 -15.59 -3.22 -33.76
N ASP B 120 -15.64 -3.50 -35.06
CA ASP B 120 -16.62 -4.45 -35.56
C ASP B 120 -16.02 -5.84 -35.84
N ILE B 121 -14.72 -6.00 -35.60
CA ILE B 121 -14.03 -7.26 -35.86
C ILE B 121 -14.51 -8.44 -35.00
N PHE B 122 -14.61 -8.21 -33.69
CA PHE B 122 -15.00 -9.25 -32.76
C PHE B 122 -16.41 -9.81 -33.05
N ALA B 123 -17.35 -8.92 -33.34
CA ALA B 123 -18.72 -9.34 -33.62
C ALA B 123 -18.80 -10.16 -34.90
N LYS B 124 -18.04 -9.76 -35.91
CA LYS B 124 -18.01 -10.47 -37.19
C LYS B 124 -17.31 -11.81 -37.04
N PHE B 125 -16.36 -11.87 -36.12
CA PHE B 125 -15.61 -13.09 -35.86
C PHE B 125 -16.49 -14.06 -35.11
N SER B 126 -17.37 -13.54 -34.27
CA SER B 126 -18.24 -14.39 -33.47
C SER B 126 -19.28 -15.06 -34.36
N ALA B 127 -19.86 -14.29 -35.28
CA ALA B 127 -20.86 -14.86 -36.18
C ALA B 127 -20.20 -15.89 -37.08
N TYR B 128 -19.01 -15.55 -37.58
CA TYR B 128 -18.25 -16.43 -38.45
C TYR B 128 -17.86 -17.76 -37.78
N ILE B 129 -17.36 -17.68 -36.55
CA ILE B 129 -16.91 -18.86 -35.83
C ILE B 129 -18.08 -19.69 -35.30
N LYS B 130 -19.23 -19.06 -35.09
CA LYS B 130 -20.42 -19.74 -34.57
C LYS B 130 -21.17 -20.51 -35.64
N ASN B 131 -20.99 -20.11 -36.89
CA ASN B 131 -21.65 -20.79 -38.00
C ASN B 131 -21.05 -22.16 -38.26
N SER B 132 -21.88 -23.08 -38.77
CA SER B 132 -21.40 -24.42 -39.09
C SER B 132 -21.90 -24.84 -40.47
N ARG B 133 -22.55 -23.91 -41.15
CA ARG B 133 -23.10 -24.14 -42.50
C ARG B 133 -22.07 -23.73 -43.54
N PRO B 134 -21.49 -24.70 -44.27
CA PRO B 134 -20.49 -24.45 -45.31
C PRO B 134 -20.83 -23.34 -46.30
N GLU B 135 -22.04 -23.39 -46.88
CA GLU B 135 -22.44 -22.37 -47.84
C GLU B 135 -22.66 -21.00 -47.19
N ALA B 136 -22.68 -20.99 -45.86
CA ALA B 136 -22.88 -19.75 -45.12
C ALA B 136 -21.54 -19.10 -44.76
N ASN B 137 -20.54 -19.93 -44.47
CA ASN B 137 -19.22 -19.45 -44.10
C ASN B 137 -18.66 -18.44 -45.10
N GLU B 138 -18.96 -18.64 -46.38
CA GLU B 138 -18.46 -17.75 -47.43
C GLU B 138 -18.67 -16.28 -47.09
N ALA B 139 -19.93 -15.87 -46.99
CA ALA B 139 -20.29 -14.49 -46.68
C ALA B 139 -19.65 -14.05 -45.37
N LEU B 140 -19.85 -14.85 -44.32
CA LEU B 140 -19.32 -14.54 -43.01
C LEU B 140 -17.81 -14.32 -42.98
N GLU B 141 -17.04 -15.23 -43.58
CA GLU B 141 -15.60 -15.06 -43.59
C GLU B 141 -15.24 -13.78 -44.34
N ARG B 142 -15.97 -13.49 -45.41
CA ARG B 142 -15.75 -12.29 -46.20
C ARG B 142 -15.99 -11.08 -45.29
N GLY B 143 -17.00 -11.18 -44.44
CA GLY B 143 -17.31 -10.09 -43.53
C GLY B 143 -16.18 -9.84 -42.55
N LEU B 144 -15.56 -10.90 -42.05
CA LEU B 144 -14.46 -10.78 -41.08
C LEU B 144 -13.26 -10.11 -41.73
N LEU B 145 -12.91 -10.55 -42.94
CA LEU B 145 -11.78 -10.00 -43.67
C LEU B 145 -12.00 -8.53 -43.97
N LYS B 146 -13.25 -8.16 -44.21
CA LYS B 146 -13.56 -6.77 -44.51
C LYS B 146 -13.25 -5.90 -43.29
N THR B 147 -13.54 -6.41 -42.09
CA THR B 147 -13.27 -5.62 -40.89
C THR B 147 -11.78 -5.63 -40.58
N LEU B 148 -11.11 -6.75 -40.82
CA LEU B 148 -9.68 -6.83 -40.57
C LEU B 148 -9.01 -5.84 -41.51
N GLN B 149 -9.56 -5.74 -42.72
CA GLN B 149 -9.05 -4.83 -43.74
C GLN B 149 -9.10 -3.38 -43.26
N LYS B 150 -10.24 -2.96 -42.74
CA LYS B 150 -10.39 -1.60 -42.23
C LYS B 150 -9.24 -1.28 -41.27
N LEU B 151 -9.14 -2.08 -40.22
CA LEU B 151 -8.11 -1.90 -39.21
C LEU B 151 -6.70 -1.82 -39.81
N ASP B 152 -6.39 -2.71 -40.75
CA ASP B 152 -5.07 -2.69 -41.39
C ASP B 152 -4.86 -1.33 -42.04
N GLU B 153 -5.86 -0.88 -42.78
CA GLU B 153 -5.77 0.42 -43.45
C GLU B 153 -5.46 1.52 -42.46
N TYR B 154 -6.13 1.49 -41.32
CA TYR B 154 -5.90 2.50 -40.29
C TYR B 154 -4.48 2.40 -39.74
N LEU B 155 -4.04 1.18 -39.44
CA LEU B 155 -2.71 0.96 -38.91
C LEU B 155 -1.55 1.32 -39.85
N ASN B 156 -1.78 1.21 -41.15
CA ASN B 156 -0.73 1.54 -42.12
C ASN B 156 -0.79 2.96 -42.66
N SER B 157 -1.95 3.61 -42.53
CA SER B 157 -2.11 4.99 -43.00
C SER B 157 -1.56 5.94 -41.93
N PRO B 158 -0.53 6.71 -42.26
CA PRO B 158 0.06 7.65 -41.29
C PRO B 158 -0.99 8.49 -40.58
N LEU B 159 -0.80 8.67 -39.28
CA LEU B 159 -1.72 9.44 -38.45
C LEU B 159 -1.62 10.95 -38.72
N PRO B 160 -2.71 11.70 -38.47
CA PRO B 160 -2.80 13.14 -38.68
C PRO B 160 -1.54 14.00 -38.47
N ASP B 161 -0.82 13.80 -37.38
CA ASP B 161 0.39 14.58 -37.15
C ASP B 161 1.67 13.79 -37.36
N GLU B 162 1.53 12.50 -37.62
CA GLU B 162 2.67 11.63 -37.83
C GLU B 162 3.42 11.98 -39.12
N ILE B 171 5.50 9.68 -45.09
CA ILE B 171 6.11 9.20 -46.32
C ILE B 171 5.20 8.15 -46.95
N LYS B 172 3.90 8.38 -46.85
CA LYS B 172 2.86 7.50 -47.39
C LYS B 172 2.42 6.37 -46.45
N PHE B 173 3.37 5.63 -45.88
CA PHE B 173 3.01 4.54 -44.97
C PHE B 173 3.65 4.69 -43.61
N SER B 174 2.95 4.27 -42.57
CA SER B 174 3.51 4.37 -41.23
C SER B 174 3.86 3.00 -40.67
N THR B 175 4.73 2.98 -39.67
CA THR B 175 5.10 1.73 -39.03
C THR B 175 4.97 1.96 -37.52
N ARG B 176 4.14 2.94 -37.17
CA ARG B 176 3.91 3.27 -35.77
C ARG B 176 3.54 1.99 -35.02
N LYS B 177 3.70 2.01 -33.70
CA LYS B 177 3.43 0.84 -32.90
C LYS B 177 1.98 0.48 -32.58
N PHE B 178 1.15 1.47 -32.28
CA PHE B 178 -0.23 1.17 -31.93
C PHE B 178 -1.26 2.01 -32.62
N LEU B 179 -2.52 1.79 -32.26
CA LEU B 179 -3.63 2.52 -32.86
C LEU B 179 -3.47 4.03 -32.86
N ASP B 180 -3.27 4.60 -31.68
CA ASP B 180 -3.19 6.05 -31.55
C ASP B 180 -1.82 6.70 -31.75
N GLY B 181 -0.76 5.90 -31.80
CA GLY B 181 0.56 6.46 -31.97
C GLY B 181 1.56 5.47 -31.43
N ASN B 182 2.64 5.95 -30.80
CA ASN B 182 3.64 5.02 -30.25
C ASN B 182 3.41 4.62 -28.80
N GLU B 183 2.38 5.16 -28.17
CA GLU B 183 2.08 4.78 -26.79
C GLU B 183 0.73 4.07 -26.74
N MET B 184 0.61 3.10 -25.85
CA MET B 184 -0.64 2.37 -25.73
C MET B 184 -1.67 3.29 -25.08
N THR B 185 -2.90 3.20 -25.57
CA THR B 185 -4.01 4.00 -25.07
C THR B 185 -5.19 3.07 -24.71
N LEU B 186 -6.24 3.63 -24.13
CA LEU B 186 -7.40 2.82 -23.79
C LEU B 186 -7.89 1.98 -24.98
N ALA B 187 -7.93 2.58 -26.18
CA ALA B 187 -8.40 1.88 -27.36
C ALA B 187 -7.66 0.57 -27.59
N ASP B 188 -6.35 0.55 -27.30
CA ASP B 188 -5.55 -0.66 -27.47
C ASP B 188 -5.95 -1.67 -26.40
N CYS B 189 -6.27 -1.17 -25.20
CA CYS B 189 -6.66 -2.07 -24.11
C CYS B 189 -7.97 -2.77 -24.45
N ASN B 190 -8.82 -2.09 -25.21
CA ASN B 190 -10.09 -2.70 -25.58
C ASN B 190 -9.87 -3.70 -26.74
N LEU B 191 -9.30 -3.22 -27.83
CA LEU B 191 -9.05 -4.03 -29.03
C LEU B 191 -8.12 -5.23 -28.92
N LEU B 192 -6.86 -4.99 -28.56
CA LEU B 192 -5.90 -6.08 -28.46
C LEU B 192 -6.40 -7.39 -27.88
N PRO B 193 -7.06 -7.36 -26.71
CA PRO B 193 -7.51 -8.63 -26.18
C PRO B 193 -8.51 -9.31 -27.11
N LYS B 194 -9.29 -8.49 -27.82
CA LYS B 194 -10.27 -9.04 -28.76
C LYS B 194 -9.60 -9.66 -29.99
N LEU B 195 -8.62 -8.96 -30.57
CA LEU B 195 -7.90 -9.46 -31.74
C LEU B 195 -7.20 -10.77 -31.41
N HIS B 196 -6.58 -10.82 -30.25
CA HIS B 196 -5.87 -12.01 -29.82
C HIS B 196 -6.81 -13.22 -29.82
N ILE B 197 -8.02 -13.05 -29.29
CA ILE B 197 -9.01 -14.13 -29.25
C ILE B 197 -9.28 -14.55 -30.69
N VAL B 198 -9.53 -13.57 -31.55
CA VAL B 198 -9.81 -13.83 -32.96
C VAL B 198 -8.69 -14.65 -33.59
N LYS B 199 -7.45 -14.26 -33.31
CA LYS B 199 -6.27 -14.93 -33.85
C LYS B 199 -6.19 -16.40 -33.43
N VAL B 200 -6.20 -16.63 -32.13
CA VAL B 200 -6.10 -17.97 -31.58
C VAL B 200 -7.28 -18.90 -31.86
N VAL B 201 -8.49 -18.37 -31.73
CA VAL B 201 -9.67 -19.19 -31.94
C VAL B 201 -9.87 -19.58 -33.40
N ALA B 202 -9.84 -18.59 -34.31
CA ALA B 202 -10.03 -18.86 -35.72
C ALA B 202 -8.98 -19.85 -36.24
N LYS B 203 -7.74 -19.67 -35.82
CA LYS B 203 -6.67 -20.56 -36.27
C LYS B 203 -6.93 -22.01 -35.82
N LYS B 204 -7.28 -22.16 -34.55
CA LYS B 204 -7.52 -23.48 -34.00
C LYS B 204 -8.72 -24.22 -34.56
N TYR B 205 -9.79 -23.50 -34.87
CA TYR B 205 -10.99 -24.15 -35.37
C TYR B 205 -11.20 -24.10 -36.88
N ARG B 206 -10.87 -22.96 -37.49
CA ARG B 206 -11.02 -22.80 -38.93
C ARG B 206 -9.65 -22.76 -39.59
N ASN B 207 -8.60 -22.84 -38.79
CA ASN B 207 -7.24 -22.77 -39.32
C ASN B 207 -7.16 -21.49 -40.17
N PHE B 208 -7.96 -20.49 -39.78
CA PHE B 208 -8.00 -19.20 -40.45
C PHE B 208 -6.83 -18.39 -39.93
N ASP B 209 -6.24 -17.57 -40.79
CA ASP B 209 -5.11 -16.72 -40.42
C ASP B 209 -5.37 -15.27 -40.79
N ILE B 210 -4.99 -14.34 -39.91
CA ILE B 210 -5.16 -12.94 -40.29
C ILE B 210 -4.18 -12.94 -41.46
N PRO B 211 -4.62 -12.46 -42.63
CA PRO B 211 -3.73 -12.45 -43.79
C PRO B 211 -2.35 -11.88 -43.46
N LYS B 212 -1.31 -12.66 -43.72
CA LYS B 212 0.06 -12.23 -43.47
C LYS B 212 0.38 -11.02 -44.35
N GLU B 213 -0.55 -10.69 -45.22
CA GLU B 213 -0.40 -9.56 -46.12
C GLU B 213 -1.15 -8.34 -45.55
N MET B 214 -1.48 -8.43 -44.26
CA MET B 214 -2.15 -7.34 -43.56
C MET B 214 -1.08 -6.96 -42.55
N THR B 215 -0.01 -6.35 -43.04
CA THR B 215 1.12 -5.94 -42.23
C THR B 215 0.77 -4.99 -41.08
N GLY B 216 -0.18 -4.10 -41.31
CA GLY B 216 -0.56 -3.17 -40.26
C GLY B 216 -0.94 -3.99 -39.03
N ILE B 217 -1.98 -4.81 -39.18
CA ILE B 217 -2.42 -5.64 -38.08
C ILE B 217 -1.27 -6.47 -37.53
N TRP B 218 -0.45 -7.06 -38.41
CA TRP B 218 0.67 -7.88 -37.94
C TRP B 218 1.77 -7.07 -37.26
N ARG B 219 2.00 -5.83 -37.67
CA ARG B 219 3.02 -5.05 -37.00
C ARG B 219 2.46 -4.73 -35.61
N TYR B 220 1.16 -4.42 -35.59
CA TYR B 220 0.45 -4.08 -34.36
C TYR B 220 0.54 -5.20 -33.34
N LEU B 221 0.18 -6.42 -33.72
CA LEU B 221 0.23 -7.54 -32.80
C LEU B 221 1.65 -7.89 -32.35
N THR B 222 2.62 -7.77 -33.25
CA THR B 222 4.02 -8.08 -32.91
C THR B 222 4.53 -7.12 -31.84
N ASN B 223 4.15 -5.85 -31.97
CA ASN B 223 4.54 -4.86 -30.98
C ASN B 223 3.89 -5.19 -29.64
N ALA B 224 2.61 -5.55 -29.70
CA ALA B 224 1.86 -5.89 -28.49
C ALA B 224 2.45 -7.11 -27.81
N TYR B 225 2.87 -8.10 -28.60
CA TYR B 225 3.44 -9.32 -28.05
C TYR B 225 4.80 -9.09 -27.39
N SER B 226 5.38 -7.91 -27.58
CA SER B 226 6.67 -7.58 -26.98
C SER B 226 6.47 -6.73 -25.71
N ARG B 227 5.23 -6.36 -25.41
CA ARG B 227 4.95 -5.55 -24.22
C ARG B 227 4.40 -6.43 -23.10
N ASP B 228 4.89 -6.22 -21.88
CA ASP B 228 4.42 -7.01 -20.75
C ASP B 228 2.99 -6.66 -20.39
N GLU B 229 2.60 -5.41 -20.65
CA GLU B 229 1.24 -5.02 -20.34
C GLU B 229 0.28 -5.97 -21.05
N PHE B 230 0.69 -6.49 -22.21
CA PHE B 230 -0.16 -7.39 -22.97
C PHE B 230 0.09 -8.88 -22.72
N THR B 231 1.32 -9.32 -23.03
CA THR B 231 1.70 -10.71 -22.90
C THR B 231 1.43 -11.31 -21.52
N ASN B 232 1.93 -10.64 -20.48
CA ASN B 232 1.75 -11.10 -19.10
C ASN B 232 0.34 -10.87 -18.59
N THR B 233 -0.57 -10.51 -19.49
CA THR B 233 -1.94 -10.27 -19.08
C THR B 233 -2.88 -11.16 -19.91
N CYS B 234 -2.28 -11.84 -20.88
CA CYS B 234 -2.94 -12.75 -21.81
C CYS B 234 -3.17 -14.14 -21.28
N PRO B 235 -4.37 -14.70 -21.50
CA PRO B 235 -4.55 -16.07 -21.00
C PRO B 235 -3.83 -16.95 -22.04
N SER B 236 -3.41 -18.15 -21.66
CA SER B 236 -2.69 -19.03 -22.60
C SER B 236 -3.57 -19.37 -23.79
N ASP B 237 -2.95 -19.83 -24.87
CA ASP B 237 -3.71 -20.20 -26.06
C ASP B 237 -4.69 -21.32 -25.76
N LYS B 238 -4.25 -22.26 -24.92
CA LYS B 238 -5.08 -23.40 -24.56
C LYS B 238 -6.34 -22.96 -23.83
N GLU B 239 -6.20 -22.09 -22.83
CA GLU B 239 -7.37 -21.62 -22.10
C GLU B 239 -8.34 -20.91 -23.02
N VAL B 240 -7.82 -20.20 -24.01
CA VAL B 240 -8.66 -19.49 -24.97
C VAL B 240 -9.41 -20.49 -25.84
N GLU B 241 -8.67 -21.45 -26.41
CA GLU B 241 -9.26 -22.46 -27.27
C GLU B 241 -10.34 -23.27 -26.53
N ILE B 242 -10.09 -23.56 -25.26
CA ILE B 242 -11.04 -24.31 -24.46
C ILE B 242 -12.36 -23.55 -24.30
N ALA B 243 -12.24 -22.25 -23.99
CA ALA B 243 -13.42 -21.41 -23.79
C ALA B 243 -14.32 -21.44 -25.02
N TYR B 244 -13.73 -21.75 -26.17
CA TYR B 244 -14.51 -21.81 -27.39
C TYR B 244 -14.77 -23.24 -27.87
N SER B 245 -14.42 -24.24 -27.04
CA SER B 245 -14.62 -25.64 -27.39
C SER B 245 -16.07 -25.98 -27.75
N ASP B 246 -17.03 -25.37 -27.05
CA ASP B 246 -18.44 -25.60 -27.32
C ASP B 246 -19.04 -24.46 -28.15
N VAL B 247 -18.27 -23.39 -28.34
CA VAL B 247 -18.73 -22.24 -29.10
C VAL B 247 -18.36 -22.28 -30.57
N ALA B 248 -17.09 -22.55 -30.87
CA ALA B 248 -16.64 -22.61 -32.26
C ALA B 248 -17.15 -23.88 -32.93
N LYS B 249 -18.00 -23.70 -33.94
CA LYS B 249 -18.58 -24.83 -34.67
C LYS B 249 -17.80 -25.16 -35.94
N ARG B 250 -17.55 -26.43 -36.17
CA ARG B 250 -16.86 -26.84 -37.38
C ARG B 250 -17.88 -26.87 -38.51
N LEU B 251 -17.44 -26.59 -39.74
CA LEU B 251 -18.33 -26.58 -40.89
C LEU B 251 -18.69 -28.00 -41.34
N THR B 252 -19.38 -28.74 -40.48
CA THR B 252 -19.80 -30.10 -40.78
C THR B 252 -21.18 -30.14 -41.44
N LYS B 253 -21.30 -29.43 -42.56
CA LYS B 253 -22.54 -29.34 -43.31
C LYS B 253 -23.64 -28.66 -42.50
N GLU C 13 10.32 -17.67 48.18
CA GLU C 13 11.52 -18.55 48.15
C GLU C 13 12.45 -18.25 46.98
N ASP C 14 13.52 -19.03 46.88
CA ASP C 14 14.51 -18.88 45.82
C ASP C 14 14.06 -19.50 44.49
N LYS C 15 13.07 -20.38 44.54
CA LYS C 15 12.61 -21.05 43.33
C LYS C 15 11.87 -20.16 42.34
N GLU C 16 12.15 -20.38 41.07
CA GLU C 16 11.51 -19.64 40.01
C GLU C 16 10.28 -20.47 39.64
N PRO C 17 9.10 -19.83 39.54
CA PRO C 17 7.92 -20.61 39.18
C PRO C 17 8.09 -21.23 37.80
N LEU C 18 7.40 -22.35 37.57
CA LEU C 18 7.47 -23.02 36.28
C LEU C 18 6.26 -22.53 35.48
N ILE C 19 6.53 -21.76 34.43
CA ILE C 19 5.48 -21.19 33.62
C ILE C 19 5.62 -21.52 32.15
N GLU C 20 4.50 -21.86 31.53
CA GLU C 20 4.52 -22.16 30.12
C GLU C 20 3.31 -21.51 29.50
N LEU C 21 3.54 -20.71 28.48
CA LEU C 21 2.46 -20.03 27.80
C LEU C 21 2.12 -20.78 26.51
N PHE C 22 0.84 -21.03 26.31
CA PHE C 22 0.37 -21.72 25.12
C PHE C 22 -0.39 -20.69 24.31
N VAL C 23 0.10 -20.39 23.13
CA VAL C 23 -0.52 -19.39 22.27
C VAL C 23 -0.98 -20.02 20.97
N LYS C 24 -1.77 -19.29 20.19
CA LYS C 24 -2.28 -19.78 18.92
C LYS C 24 -1.22 -19.71 17.85
N ALA C 25 -1.09 -20.79 17.08
CA ALA C 25 -0.09 -20.85 16.02
C ALA C 25 -0.63 -20.18 14.77
N GLY C 26 0.29 -19.77 13.90
CA GLY C 26 -0.10 -19.11 12.66
C GLY C 26 -0.58 -20.11 11.63
N SER C 27 -0.88 -19.65 10.43
CA SER C 27 -1.39 -20.53 9.38
C SER C 27 -0.38 -21.61 8.97
N ASP C 28 0.86 -21.52 9.46
CA ASP C 28 1.83 -22.54 9.12
C ASP C 28 2.02 -23.49 10.31
N GLY C 29 1.09 -23.41 11.27
CA GLY C 29 1.11 -24.27 12.44
C GLY C 29 2.24 -24.10 13.43
N GLU C 30 3.21 -23.25 13.12
CA GLU C 30 4.34 -23.07 14.01
C GLU C 30 4.58 -21.63 14.47
N SER C 31 4.34 -20.67 13.59
CA SER C 31 4.56 -19.26 13.89
C SER C 31 3.58 -18.74 14.95
N ILE C 32 3.71 -17.46 15.24
CA ILE C 32 2.83 -16.81 16.20
C ILE C 32 1.58 -16.46 15.39
N GLY C 33 0.43 -16.94 15.83
CA GLY C 33 -0.79 -16.64 15.10
C GLY C 33 -1.45 -15.36 15.61
N ASN C 34 -2.54 -14.95 14.97
CA ASN C 34 -3.26 -13.77 15.39
C ASN C 34 -4.11 -14.05 16.62
N CYS C 35 -3.82 -13.32 17.71
CA CYS C 35 -4.57 -13.42 18.96
C CYS C 35 -4.08 -12.33 19.91
N PRO C 36 -4.87 -11.26 20.09
CA PRO C 36 -4.50 -10.14 20.97
C PRO C 36 -4.43 -10.54 22.43
N PHE C 37 -5.11 -11.62 22.78
CA PHE C 37 -5.12 -12.10 24.17
C PHE C 37 -3.85 -12.89 24.45
N SER C 38 -3.40 -13.64 23.44
CA SER C 38 -2.17 -14.41 23.60
C SER C 38 -1.01 -13.42 23.69
N GLN C 39 -0.98 -12.42 22.82
CA GLN C 39 0.13 -11.47 22.87
C GLN C 39 0.11 -10.72 24.21
N ARG C 40 -1.08 -10.45 24.73
CA ARG C 40 -1.19 -9.75 26.00
C ARG C 40 -0.48 -10.50 27.13
N LEU C 41 -0.76 -11.79 27.28
CA LEU C 41 -0.12 -12.60 28.31
C LEU C 41 1.37 -12.75 28.06
N PHE C 42 1.76 -12.87 26.79
CA PHE C 42 3.15 -12.99 26.40
C PHE C 42 3.90 -11.73 26.83
N MET C 43 3.29 -10.56 26.60
CA MET C 43 3.92 -9.30 26.98
C MET C 43 4.04 -9.13 28.50
N ILE C 44 2.99 -9.54 29.23
CA ILE C 44 2.98 -9.45 30.68
C ILE C 44 4.13 -10.25 31.26
N LEU C 45 4.26 -11.50 30.82
CA LEU C 45 5.31 -12.38 31.31
C LEU C 45 6.70 -11.86 30.96
N TRP C 46 6.85 -11.35 29.75
CA TRP C 46 8.14 -10.82 29.32
C TRP C 46 8.52 -9.61 30.17
N LEU C 47 7.55 -8.74 30.43
CA LEU C 47 7.79 -7.53 31.23
C LEU C 47 8.03 -7.87 32.71
N LYS C 48 7.42 -8.94 33.18
CA LYS C 48 7.56 -9.35 34.58
C LYS C 48 8.98 -9.65 35.04
N GLY C 49 9.81 -10.19 34.16
CA GLY C 49 11.17 -10.52 34.57
C GLY C 49 11.19 -11.92 35.18
N VAL C 50 10.47 -12.84 34.56
CA VAL C 50 10.40 -14.21 35.03
C VAL C 50 10.72 -15.15 33.89
N VAL C 51 11.30 -16.29 34.22
CA VAL C 51 11.61 -17.29 33.22
C VAL C 51 10.31 -17.98 32.85
N PHE C 52 10.12 -18.24 31.56
CA PHE C 52 8.93 -18.92 31.10
C PHE C 52 9.22 -19.33 29.68
N SER C 53 8.37 -20.19 29.13
CA SER C 53 8.57 -20.61 27.76
C SER C 53 7.23 -20.50 27.06
N VAL C 54 7.28 -20.39 25.74
CA VAL C 54 6.06 -20.26 24.97
C VAL C 54 5.92 -21.39 23.97
N THR C 55 4.71 -21.94 23.89
CA THR C 55 4.40 -23.04 22.98
C THR C 55 3.24 -22.63 22.07
N THR C 56 3.48 -22.62 20.76
CA THR C 56 2.43 -22.28 19.81
C THR C 56 1.58 -23.52 19.60
N VAL C 57 0.26 -23.36 19.69
CA VAL C 57 -0.68 -24.44 19.52
C VAL C 57 -1.35 -24.37 18.15
N ASP C 58 -1.30 -25.49 17.42
CA ASP C 58 -1.90 -25.59 16.09
C ASP C 58 -3.31 -26.15 16.28
N LEU C 59 -4.29 -25.26 16.35
CA LEU C 59 -5.68 -25.67 16.57
C LEU C 59 -6.20 -26.72 15.60
N LYS C 60 -5.71 -26.72 14.36
CA LYS C 60 -6.14 -27.70 13.38
C LYS C 60 -5.25 -28.94 13.50
N ARG C 61 -5.49 -29.72 14.55
CA ARG C 61 -4.69 -30.91 14.78
C ARG C 61 -3.76 -30.65 15.95
N LYS C 62 -4.36 -30.51 17.13
CA LYS C 62 -3.61 -30.24 18.37
C LYS C 62 -2.47 -31.21 18.61
N PRO C 63 -1.34 -30.68 19.08
CA PRO C 63 -0.19 -31.51 19.36
C PRO C 63 -0.55 -32.63 20.31
N ALA C 64 0.09 -33.78 20.14
CA ALA C 64 -0.19 -34.92 21.00
C ALA C 64 0.08 -34.67 22.47
N ASP C 65 1.24 -34.08 22.77
CA ASP C 65 1.60 -33.80 24.14
C ASP C 65 0.62 -32.95 24.92
N LEU C 66 -0.31 -32.31 24.22
CA LEU C 66 -1.31 -31.46 24.85
C LEU C 66 -2.67 -31.57 24.18
N GLN C 67 -3.04 -32.80 23.83
CA GLN C 67 -4.33 -33.06 23.19
C GLN C 67 -5.25 -33.79 24.18
N ASN C 68 -4.80 -33.87 25.43
CA ASN C 68 -5.59 -34.52 26.47
C ASN C 68 -5.98 -33.53 27.54
N LEU C 69 -6.51 -32.39 27.10
CA LEU C 69 -6.91 -31.32 28.01
C LEU C 69 -8.43 -31.29 28.22
N ALA C 70 -8.85 -30.66 29.32
CA ALA C 70 -10.27 -30.57 29.65
C ALA C 70 -10.98 -29.62 28.69
N PRO C 71 -12.26 -29.90 28.40
CA PRO C 71 -13.00 -29.03 27.49
C PRO C 71 -13.09 -27.62 28.09
N GLY C 72 -12.74 -26.62 27.31
CA GLY C 72 -12.78 -25.26 27.81
C GLY C 72 -11.37 -24.71 27.95
N THR C 73 -10.39 -25.50 27.55
CA THR C 73 -8.99 -25.10 27.60
C THR C 73 -8.60 -24.76 26.16
N HIS C 74 -8.84 -23.51 25.81
CA HIS C 74 -8.58 -22.98 24.49
C HIS C 74 -7.44 -21.99 24.68
N PRO C 75 -6.54 -21.86 23.70
CA PRO C 75 -5.47 -20.88 23.93
C PRO C 75 -6.07 -19.47 23.86
N PRO C 76 -5.50 -18.50 24.59
CA PRO C 76 -4.33 -18.63 25.46
C PRO C 76 -4.62 -19.14 26.86
N PHE C 77 -3.73 -19.99 27.36
CA PHE C 77 -3.83 -20.51 28.72
C PHE C 77 -2.40 -20.77 29.17
N ILE C 78 -2.19 -20.91 30.48
CA ILE C 78 -0.83 -21.17 30.95
C ILE C 78 -0.77 -22.33 31.91
N THR C 79 0.46 -22.65 32.28
CA THR C 79 0.75 -23.69 33.21
C THR C 79 1.58 -22.98 34.27
N PHE C 80 1.15 -23.06 35.52
CA PHE C 80 1.88 -22.45 36.61
C PHE C 80 2.22 -23.59 37.55
N ASN C 81 3.49 -24.00 37.51
CA ASN C 81 3.95 -25.14 38.29
C ASN C 81 3.02 -26.33 37.99
N SER C 82 2.81 -26.55 36.68
CA SER C 82 2.01 -27.63 36.12
C SER C 82 0.49 -27.49 36.20
N GLU C 83 -0.01 -26.47 36.88
CA GLU C 83 -1.46 -26.30 36.96
C GLU C 83 -1.97 -25.43 35.83
N VAL C 84 -2.96 -25.93 35.09
CA VAL C 84 -3.53 -25.15 33.98
C VAL C 84 -4.34 -23.96 34.48
N LYS C 85 -4.00 -22.79 33.96
CA LYS C 85 -4.69 -21.55 34.31
C LYS C 85 -5.39 -21.06 33.05
N THR C 86 -6.70 -20.87 33.12
CA THR C 86 -7.45 -20.43 31.95
C THR C 86 -8.11 -19.05 32.14
N ASP C 87 -8.60 -18.48 31.04
CA ASP C 87 -9.23 -17.15 31.02
C ASP C 87 -8.20 -16.02 31.15
N VAL C 88 -7.97 -15.34 30.03
CA VAL C 88 -6.99 -14.28 29.95
C VAL C 88 -7.06 -13.23 31.06
N ASN C 89 -8.27 -12.79 31.41
CA ASN C 89 -8.42 -11.78 32.47
C ASN C 89 -8.01 -12.38 33.81
N LYS C 90 -8.32 -13.66 33.99
CA LYS C 90 -7.98 -14.34 35.23
C LYS C 90 -6.46 -14.54 35.32
N ILE C 91 -5.85 -14.92 34.21
CA ILE C 91 -4.42 -15.14 34.20
C ILE C 91 -3.70 -13.84 34.52
N GLU C 92 -4.08 -12.77 33.85
CA GLU C 92 -3.44 -11.47 34.09
C GLU C 92 -3.49 -11.14 35.57
N GLU C 93 -4.68 -11.23 36.15
CA GLU C 93 -4.85 -10.94 37.55
C GLU C 93 -3.92 -11.83 38.40
N PHE C 94 -3.97 -13.12 38.14
CA PHE C 94 -3.14 -14.09 38.85
C PHE C 94 -1.65 -13.75 38.77
N LEU C 95 -1.17 -13.48 37.57
CA LEU C 95 0.24 -13.14 37.36
C LEU C 95 0.65 -11.84 38.05
N GLU C 96 -0.19 -10.82 37.95
CA GLU C 96 0.14 -9.55 38.57
C GLU C 96 0.28 -9.70 40.08
N GLU C 97 -0.59 -10.52 40.68
CA GLU C 97 -0.56 -10.72 42.12
C GLU C 97 0.53 -11.66 42.64
N VAL C 98 0.80 -12.76 41.96
CA VAL C 98 1.82 -13.70 42.44
C VAL C 98 3.25 -13.30 42.10
N LEU C 99 3.44 -12.67 40.95
CA LEU C 99 4.78 -12.23 40.56
C LEU C 99 4.90 -10.77 41.00
N CYS C 100 5.07 -10.57 42.30
CA CYS C 100 5.15 -9.23 42.85
C CYS C 100 6.56 -8.73 43.11
N PRO C 101 6.69 -7.42 43.36
CA PRO C 101 8.00 -6.82 43.64
C PRO C 101 8.39 -7.24 45.04
N PRO C 102 9.68 -7.11 45.38
CA PRO C 102 10.72 -6.58 44.48
C PRO C 102 11.28 -7.58 43.47
N LYS C 103 11.01 -8.87 43.66
CA LYS C 103 11.49 -9.90 42.75
C LYS C 103 11.12 -9.58 41.29
N TYR C 104 9.83 -9.31 41.05
CA TYR C 104 9.34 -8.99 39.72
C TYR C 104 8.73 -7.58 39.72
N LEU C 105 8.64 -6.94 38.56
CA LEU C 105 8.08 -5.60 38.57
C LEU C 105 6.55 -5.56 38.56
N LYS C 106 5.99 -4.67 39.38
CA LYS C 106 4.55 -4.51 39.44
C LYS C 106 4.16 -3.87 38.12
N LEU C 107 3.12 -4.37 37.49
CA LEU C 107 2.69 -3.82 36.21
C LEU C 107 1.35 -3.07 36.30
N SER C 108 0.69 -3.13 37.45
CA SER C 108 -0.59 -2.43 37.58
C SER C 108 -0.35 -0.95 37.33
N PRO C 109 -1.17 -0.31 36.50
CA PRO C 109 -0.91 1.12 36.28
C PRO C 109 -1.20 1.97 37.53
N LYS C 110 -0.52 3.12 37.64
CA LYS C 110 -0.68 4.02 38.78
C LYS C 110 -1.94 4.86 38.67
N HIS C 111 -2.26 5.29 37.45
CA HIS C 111 -3.43 6.12 37.19
C HIS C 111 -4.59 5.28 36.66
N PRO C 112 -5.70 5.23 37.42
CA PRO C 112 -6.86 4.44 36.99
C PRO C 112 -7.35 4.67 35.56
N GLU C 113 -7.34 5.90 35.06
CA GLU C 113 -7.80 6.17 33.71
C GLU C 113 -6.95 5.50 32.61
N SER C 114 -5.78 5.00 33.00
CA SER C 114 -4.91 4.31 32.04
C SER C 114 -5.52 2.98 31.57
N ASN C 115 -6.24 2.33 32.48
CA ASN C 115 -6.87 1.04 32.22
C ASN C 115 -8.07 1.07 31.29
N THR C 116 -8.58 2.26 31.00
CA THR C 116 -9.75 2.39 30.15
C THR C 116 -9.46 3.10 28.84
N ALA C 117 -8.33 3.80 28.79
CA ALA C 117 -7.95 4.55 27.59
C ALA C 117 -7.88 3.64 26.36
N GLY C 118 -8.54 4.07 25.29
CA GLY C 118 -8.58 3.32 24.05
C GLY C 118 -9.37 2.02 24.07
N MET C 119 -9.97 1.67 25.20
CA MET C 119 -10.71 0.41 25.28
C MET C 119 -11.95 0.28 24.39
N ASP C 120 -12.34 1.35 23.71
CA ASP C 120 -13.50 1.28 22.83
C ASP C 120 -13.07 1.16 21.38
N ILE C 121 -11.77 1.31 21.15
CA ILE C 121 -11.24 1.26 19.79
C ILE C 121 -11.50 -0.06 19.05
N PHE C 122 -11.18 -1.18 19.68
CA PHE C 122 -11.35 -2.47 19.03
C PHE C 122 -12.79 -2.71 18.58
N ALA C 123 -13.75 -2.42 19.45
CA ALA C 123 -15.16 -2.62 19.12
C ALA C 123 -15.62 -1.80 17.93
N LYS C 124 -15.21 -0.53 17.90
CA LYS C 124 -15.58 0.35 16.79
C LYS C 124 -14.89 -0.12 15.52
N PHE C 125 -13.67 -0.61 15.66
CA PHE C 125 -12.93 -1.10 14.51
C PHE C 125 -13.65 -2.33 13.92
N SER C 126 -14.14 -3.22 14.78
CA SER C 126 -14.81 -4.43 14.33
C SER C 126 -16.10 -4.18 13.58
N ALA C 127 -16.93 -3.26 14.08
CA ALA C 127 -18.18 -2.96 13.42
C ALA C 127 -17.87 -2.37 12.05
N TYR C 128 -16.88 -1.49 12.01
CA TYR C 128 -16.44 -0.83 10.80
C TYR C 128 -15.94 -1.84 9.74
N ILE C 129 -15.15 -2.82 10.17
CA ILE C 129 -14.58 -3.81 9.28
C ILE C 129 -15.55 -4.93 8.85
N LYS C 130 -16.54 -5.21 9.69
CA LYS C 130 -17.54 -6.24 9.42
C LYS C 130 -18.72 -5.76 8.57
N ASN C 131 -18.90 -4.45 8.48
CA ASN C 131 -19.98 -3.88 7.69
C ASN C 131 -19.72 -4.06 6.19
N SER C 132 -20.78 -4.22 5.41
CA SER C 132 -20.66 -4.38 3.97
C SER C 132 -21.60 -3.42 3.23
N ARG C 133 -22.35 -2.61 3.98
CA ARG C 133 -23.25 -1.64 3.38
C ARG C 133 -22.50 -0.33 3.18
N PRO C 134 -22.36 0.11 1.91
CA PRO C 134 -21.66 1.35 1.56
C PRO C 134 -22.15 2.63 2.26
N GLU C 135 -23.46 2.79 2.38
CA GLU C 135 -24.00 4.00 3.01
C GLU C 135 -23.88 4.01 4.53
N ALA C 136 -23.29 2.97 5.09
CA ALA C 136 -23.12 2.90 6.53
C ALA C 136 -21.65 3.02 6.88
N ASN C 137 -20.80 3.04 5.85
CA ASN C 137 -19.36 3.11 6.05
C ASN C 137 -18.81 4.38 6.68
N GLU C 138 -19.17 5.53 6.12
CA GLU C 138 -18.69 6.79 6.64
C GLU C 138 -18.96 6.97 8.12
N ALA C 139 -20.17 6.65 8.57
CA ALA C 139 -20.50 6.81 9.98
C ALA C 139 -19.62 5.90 10.83
N LEU C 140 -19.41 4.67 10.36
CA LEU C 140 -18.59 3.72 11.08
C LEU C 140 -17.13 4.16 11.12
N GLU C 141 -16.63 4.71 10.02
CA GLU C 141 -15.24 5.17 10.00
C GLU C 141 -15.11 6.36 10.96
N ARG C 142 -16.09 7.25 10.93
CA ARG C 142 -16.10 8.42 11.81
C ARG C 142 -16.08 7.98 13.27
N GLY C 143 -16.85 6.94 13.56
CA GLY C 143 -16.90 6.42 14.92
C GLY C 143 -15.55 5.90 15.37
N LEU C 144 -14.86 5.17 14.49
CA LEU C 144 -13.55 4.64 14.85
C LEU C 144 -12.61 5.82 15.10
N LEU C 145 -12.66 6.82 14.23
CA LEU C 145 -11.82 8.00 14.37
C LEU C 145 -12.06 8.69 15.71
N LYS C 146 -13.30 8.64 16.19
CA LYS C 146 -13.64 9.26 17.46
C LYS C 146 -12.93 8.54 18.60
N THR C 147 -12.92 7.22 18.56
CA THR C 147 -12.24 6.42 19.58
C THR C 147 -10.73 6.67 19.53
N LEU C 148 -10.18 6.82 18.32
CA LEU C 148 -8.75 7.07 18.21
C LEU C 148 -8.46 8.46 18.81
N GLN C 149 -9.33 9.42 18.47
CA GLN C 149 -9.19 10.80 18.97
C GLN C 149 -9.17 10.87 20.50
N LYS C 150 -10.00 10.06 21.15
CA LYS C 150 -10.04 10.05 22.61
C LYS C 150 -8.73 9.53 23.18
N LEU C 151 -8.20 8.45 22.58
CA LEU C 151 -6.94 7.87 23.02
C LEU C 151 -5.81 8.87 22.80
N ASP C 152 -5.84 9.53 21.65
CA ASP C 152 -4.82 10.52 21.29
C ASP C 152 -4.74 11.65 22.31
N GLU C 153 -5.89 12.15 22.75
CA GLU C 153 -5.93 13.23 23.74
C GLU C 153 -5.36 12.77 25.08
N TYR C 154 -5.68 11.54 25.49
CA TYR C 154 -5.14 11.01 26.74
C TYR C 154 -3.62 10.90 26.67
N LEU C 155 -3.10 10.57 25.50
CA LEU C 155 -1.66 10.43 25.34
C LEU C 155 -0.93 11.76 25.33
N ASN C 156 -1.60 12.80 24.83
CA ASN C 156 -0.99 14.12 24.76
C ASN C 156 -1.17 15.01 25.98
N SER C 157 -2.21 14.77 26.76
CA SER C 157 -2.43 15.60 27.94
C SER C 157 -1.65 15.06 29.13
N PRO C 158 -0.86 15.92 29.78
CA PRO C 158 -0.05 15.52 30.94
C PRO C 158 -0.82 14.67 31.96
N LEU C 159 -0.07 13.85 32.68
CA LEU C 159 -0.62 12.96 33.67
C LEU C 159 -0.50 13.58 35.07
N PRO C 160 -1.48 13.30 35.96
CA PRO C 160 -1.44 13.85 37.32
C PRO C 160 -0.16 13.47 38.07
N PHE C 173 1.20 18.58 25.48
CA PHE C 173 2.17 19.02 26.48
C PHE C 173 2.79 17.83 27.22
N SER C 174 2.50 16.61 26.77
CA SER C 174 3.06 15.41 27.41
C SER C 174 3.96 14.65 26.44
N THR C 175 5.05 14.11 26.97
CA THR C 175 6.00 13.34 26.16
C THR C 175 6.27 11.96 26.75
N ARG C 176 5.37 11.47 27.60
CA ARG C 176 5.57 10.16 28.21
C ARG C 176 5.57 9.10 27.11
N LYS C 177 6.30 8.01 27.33
CA LYS C 177 6.40 6.96 26.32
C LYS C 177 5.18 6.06 26.21
N PHE C 178 4.52 5.80 27.33
CA PHE C 178 3.36 4.93 27.30
C PHE C 178 2.12 5.47 27.98
N LEU C 179 1.10 4.62 28.07
CA LEU C 179 -0.18 5.00 28.63
C LEU C 179 -0.15 5.62 30.02
N ASP C 180 0.53 4.96 30.93
CA ASP C 180 0.63 5.35 32.34
C ASP C 180 1.92 6.06 32.73
N GLY C 181 2.84 6.24 31.80
CA GLY C 181 4.09 6.89 32.15
C GLY C 181 5.19 6.42 31.22
N ASN C 182 6.43 6.35 31.71
CA ASN C 182 7.55 5.92 30.87
C ASN C 182 7.87 4.44 30.91
N GLU C 183 7.11 3.68 31.68
CA GLU C 183 7.31 2.24 31.78
C GLU C 183 6.03 1.51 31.34
N MET C 184 6.17 0.45 30.56
CA MET C 184 5.00 -0.30 30.10
C MET C 184 4.27 -0.91 31.30
N THR C 185 2.94 -1.01 31.18
CA THR C 185 2.12 -1.58 32.25
C THR C 185 1.07 -2.51 31.66
N LEU C 186 0.18 -3.03 32.52
CA LEU C 186 -0.87 -3.92 32.05
C LEU C 186 -1.79 -3.26 31.02
N ALA C 187 -1.98 -1.95 31.11
CA ALA C 187 -2.87 -1.28 30.16
C ALA C 187 -2.28 -1.35 28.76
N ASP C 188 -0.96 -1.26 28.65
CA ASP C 188 -0.32 -1.32 27.34
C ASP C 188 -0.38 -2.76 26.80
N CYS C 189 -0.19 -3.75 27.67
CA CYS C 189 -0.22 -5.15 27.26
C CYS C 189 -1.60 -5.47 26.69
N ASN C 190 -2.63 -4.85 27.26
CA ASN C 190 -3.99 -5.06 26.80
C ASN C 190 -4.22 -4.29 25.51
N LEU C 191 -3.87 -2.99 25.51
CA LEU C 191 -4.14 -2.16 24.34
C LEU C 191 -3.30 -2.37 23.09
N LEU C 192 -1.98 -2.40 23.22
CA LEU C 192 -1.12 -2.53 22.05
C LEU C 192 -1.46 -3.68 21.08
N PRO C 193 -1.65 -4.91 21.58
CA PRO C 193 -1.99 -5.98 20.65
C PRO C 193 -3.27 -5.65 19.85
N LYS C 194 -4.22 -4.99 20.51
CA LYS C 194 -5.48 -4.62 19.86
C LYS C 194 -5.27 -3.53 18.82
N LEU C 195 -4.44 -2.54 19.15
CA LEU C 195 -4.17 -1.46 18.20
C LEU C 195 -3.47 -2.02 16.97
N HIS C 196 -2.50 -2.90 17.23
CA HIS C 196 -1.74 -3.49 16.14
C HIS C 196 -2.69 -4.12 15.12
N ILE C 197 -3.63 -4.92 15.60
CA ILE C 197 -4.62 -5.55 14.74
C ILE C 197 -5.47 -4.52 14.01
N VAL C 198 -6.01 -3.56 14.76
CA VAL C 198 -6.84 -2.51 14.16
C VAL C 198 -6.08 -1.83 13.02
N LYS C 199 -4.86 -1.43 13.32
CA LYS C 199 -4.01 -0.76 12.36
C LYS C 199 -3.77 -1.56 11.09
N VAL C 200 -3.34 -2.80 11.25
CA VAL C 200 -3.05 -3.66 10.11
C VAL C 200 -4.30 -4.05 9.34
N VAL C 201 -5.35 -4.47 10.03
CA VAL C 201 -6.57 -4.88 9.36
C VAL C 201 -7.32 -3.74 8.67
N ALA C 202 -7.46 -2.60 9.34
CA ALA C 202 -8.14 -1.47 8.74
C ALA C 202 -7.35 -0.99 7.52
N LYS C 203 -6.03 -1.00 7.62
CA LYS C 203 -5.21 -0.57 6.49
C LYS C 203 -5.33 -1.54 5.31
N LYS C 204 -5.35 -2.83 5.60
CA LYS C 204 -5.43 -3.84 4.55
C LYS C 204 -6.82 -3.96 3.90
N TYR C 205 -7.86 -4.00 4.72
CA TYR C 205 -9.20 -4.19 4.18
C TYR C 205 -10.02 -2.93 3.94
N ARG C 206 -9.49 -1.82 4.39
CA ARG C 206 -10.09 -0.52 4.19
C ARG C 206 -8.79 0.18 3.84
N ASN C 207 -8.82 1.39 3.31
CA ASN C 207 -7.54 2.00 3.00
C ASN C 207 -7.33 3.02 4.11
N PHE C 208 -7.77 2.62 5.31
CA PHE C 208 -7.72 3.47 6.50
C PHE C 208 -6.37 3.59 7.20
N ASP C 209 -5.96 4.82 7.46
CA ASP C 209 -4.71 5.13 8.16
C ASP C 209 -5.01 5.92 9.43
N ILE C 210 -4.27 5.66 10.50
CA ILE C 210 -4.44 6.42 11.72
C ILE C 210 -3.91 7.81 11.31
N PRO C 211 -4.79 8.83 11.29
CA PRO C 211 -4.41 10.19 10.90
C PRO C 211 -3.07 10.67 11.45
N LYS C 212 -2.26 11.25 10.58
CA LYS C 212 -0.97 11.79 10.96
C LYS C 212 -1.15 12.76 12.14
N GLU C 213 -2.22 13.53 12.12
CA GLU C 213 -2.50 14.53 13.17
C GLU C 213 -2.57 13.94 14.57
N MET C 214 -2.83 12.65 14.69
CA MET C 214 -2.90 12.05 16.01
C MET C 214 -1.50 11.67 16.49
N THR C 215 -0.66 12.67 16.70
CA THR C 215 0.72 12.48 17.13
C THR C 215 0.88 11.72 18.45
N GLY C 216 -0.09 11.85 19.35
CA GLY C 216 -0.01 11.10 20.60
C GLY C 216 0.00 9.60 20.31
N ILE C 217 -0.90 9.15 19.46
CA ILE C 217 -0.98 7.73 19.09
C ILE C 217 0.29 7.27 18.34
N TRP C 218 0.78 8.06 17.40
CA TRP C 218 1.97 7.69 16.65
C TRP C 218 3.24 7.66 17.51
N ARG C 219 3.35 8.54 18.49
CA ARG C 219 4.52 8.55 19.36
C ARG C 219 4.46 7.27 20.18
N TYR C 220 3.25 6.93 20.63
CA TYR C 220 3.00 5.72 21.43
C TYR C 220 3.36 4.47 20.65
N LEU C 221 2.91 4.42 19.41
CA LEU C 221 3.18 3.28 18.55
C LEU C 221 4.67 3.13 18.30
N THR C 222 5.33 4.24 17.99
CA THR C 222 6.76 4.24 17.71
C THR C 222 7.60 3.80 18.91
N ASN C 223 7.17 4.15 20.11
CA ASN C 223 7.88 3.73 21.31
C ASN C 223 7.64 2.22 21.49
N ALA C 224 6.40 1.80 21.30
CA ALA C 224 6.07 0.40 21.45
C ALA C 224 6.90 -0.41 20.44
N TYR C 225 6.90 0.02 19.18
CA TYR C 225 7.65 -0.69 18.15
C TYR C 225 9.17 -0.73 18.37
N SER C 226 9.68 0.12 19.25
CA SER C 226 11.12 0.14 19.53
C SER C 226 11.43 -0.81 20.68
N ARG C 227 10.40 -1.45 21.22
CA ARG C 227 10.57 -2.38 22.33
C ARG C 227 10.35 -3.82 21.88
N ASP C 228 11.28 -4.71 22.25
CA ASP C 228 11.18 -6.14 21.88
C ASP C 228 9.94 -6.80 22.48
N GLU C 229 9.60 -6.42 23.71
CA GLU C 229 8.44 -7.01 24.37
C GLU C 229 7.21 -6.92 23.50
N PHE C 230 7.10 -5.86 22.71
CA PHE C 230 5.95 -5.71 21.82
C PHE C 230 6.20 -6.27 20.42
N THR C 231 7.30 -5.84 19.80
CA THR C 231 7.64 -6.26 18.46
C THR C 231 7.79 -7.77 18.28
N ASN C 232 8.49 -8.39 19.21
CA ASN C 232 8.76 -9.83 19.16
C ASN C 232 7.66 -10.72 19.68
N THR C 233 6.50 -10.12 19.99
CA THR C 233 5.35 -10.88 20.45
C THR C 233 4.26 -10.69 19.41
N CYS C 234 4.56 -9.84 18.43
CA CYS C 234 3.63 -9.55 17.35
C CYS C 234 3.60 -10.62 16.28
N PRO C 235 2.39 -10.97 15.80
CA PRO C 235 2.34 -11.96 14.74
C PRO C 235 2.65 -11.09 13.52
N SER C 236 3.13 -11.68 12.42
CA SER C 236 3.43 -10.87 11.24
C SER C 236 2.18 -10.15 10.75
N ASP C 237 2.35 -9.06 10.01
CA ASP C 237 1.17 -8.35 9.51
C ASP C 237 0.38 -9.27 8.61
N LYS C 238 1.09 -10.14 7.92
CA LYS C 238 0.50 -11.13 7.01
C LYS C 238 -0.43 -12.07 7.77
N GLU C 239 0.06 -12.66 8.84
CA GLU C 239 -0.78 -13.57 9.61
C GLU C 239 -1.99 -12.83 10.15
N VAL C 240 -1.84 -11.54 10.45
CA VAL C 240 -2.97 -10.78 10.95
C VAL C 240 -3.97 -10.57 9.82
N GLU C 241 -3.48 -10.21 8.63
CA GLU C 241 -4.35 -9.99 7.51
C GLU C 241 -5.09 -11.28 7.13
N ILE C 242 -4.36 -12.40 7.11
CA ILE C 242 -4.95 -13.69 6.78
C ILE C 242 -6.14 -14.02 7.69
N ALA C 243 -5.89 -13.94 8.99
CA ALA C 243 -6.91 -14.23 9.98
C ALA C 243 -8.18 -13.41 9.79
N TYR C 244 -8.09 -12.27 9.09
CA TYR C 244 -9.28 -11.44 8.87
C TYR C 244 -9.82 -11.46 7.45
N SER C 245 -9.29 -12.35 6.61
CA SER C 245 -9.75 -12.43 5.22
C SER C 245 -11.23 -12.80 5.13
N ASP C 246 -11.73 -13.56 6.08
CA ASP C 246 -13.15 -13.95 6.06
C ASP C 246 -13.98 -13.09 7.00
N VAL C 247 -13.31 -12.28 7.82
CA VAL C 247 -14.01 -11.41 8.77
C VAL C 247 -14.34 -10.03 8.18
N ALA C 248 -13.30 -9.35 7.70
CA ALA C 248 -13.46 -8.03 7.08
C ALA C 248 -14.33 -8.17 5.84
N LYS C 249 -15.29 -7.28 5.66
CA LYS C 249 -16.19 -7.34 4.51
C LYS C 249 -15.98 -6.20 3.52
N ARG C 250 -16.06 -6.53 2.24
CA ARG C 250 -15.94 -5.52 1.21
C ARG C 250 -17.27 -4.75 1.21
N LEU C 251 -17.24 -3.54 0.69
CA LEU C 251 -18.45 -2.73 0.62
C LEU C 251 -19.11 -3.07 -0.72
N THR C 252 -20.12 -3.93 -0.66
CA THR C 252 -20.82 -4.38 -1.86
C THR C 252 -22.07 -3.61 -2.24
N LYS C 253 -22.67 -4.04 -3.35
CA LYS C 253 -23.87 -3.43 -3.89
C LYS C 253 -25.13 -4.20 -3.51
N LEU C 254 -25.01 -5.14 -2.58
CA LEU C 254 -26.16 -5.92 -2.13
C LEU C 254 -27.31 -4.97 -1.86
N GLU C 255 -28.41 -5.13 -2.60
CA GLU C 255 -29.59 -4.28 -2.45
C GLU C 255 -29.71 -3.61 -1.08
#